data_4FW5
#
_entry.id   4FW5
#
_cell.length_a   35.698
_cell.length_b   89.837
_cell.length_c   169.573
_cell.angle_alpha   90.000
_cell.angle_beta   90.030
_cell.angle_gamma   90.000
#
_symmetry.space_group_name_H-M   'P 1 21 1'
#
loop_
_entity.id
_entity.type
_entity.pdbx_description
1 polymer 'UDP-3-O-[3-hydroxymyristoyl] N-acetylglucosamine deacetylase'
2 non-polymer 'ZINC ION'
3 non-polymer "4'-bromo-N-[(2S,3R)-3-hydroxy-1-(hydroxyamino)-1-oxobutan-2-yl]biphenyl-4-carboxamide"
4 non-polymer 'ACETATE ION'
5 non-polymer GLYCEROL
6 water water
#
_entity_poly.entity_id   1
_entity_poly.type   'polypeptide(L)'
_entity_poly.pdbx_seq_one_letter_code
;SNAMIKQRTLKNIIRATGVGLHSGEKVYLTLKPAPVDTGIVFSRTDLDPVVEIPARAENVGETTMSTTLVKGDVKVDTVE
HLLSAMAGLGIDNAYVELSASEVPIMDGSAGPFVFLIQSAGLQEQEAAKKFIRIKREVSVEEGDKRAVFVPFDGFKVSFE
IDFDHPVFRGRTQQASVDFSSTSFVKEVSRARTFGFMRDIEYLRSQNLALGGSVENAIVVDENRVLNEDGLRYEDEFVKH
KILDAIGDLYLLGNSLIGEFRGFKSGHALNNQLLRTLIADKDAWEVVTFEDARTAPISYMRP
;
_entity_poly.pdbx_strand_id   A,B,C,D
#
loop_
_chem_comp.id
_chem_comp.type
_chem_comp.name
_chem_comp.formula
ACT non-polymer 'ACETATE ION' 'C2 H3 O2 -1'
GOL non-polymer GLYCEROL 'C3 H8 O3'
L58 non-polymer 4'-bromo-N-[(2S,3R)-3-hydroxy-1-(hydroxyamino)-1-oxobutan-2-yl]biphenyl-4-carboxamide 'C17 H17 Br N2 O4'
ZN non-polymer 'ZINC ION' 'Zn 2'
#
# COMPACT_ATOMS: atom_id res chain seq x y z
N ASN A 2 -14.53 27.20 -16.09
CA ASN A 2 -14.28 27.58 -14.70
C ASN A 2 -13.58 26.49 -13.91
N ALA A 3 -12.82 26.89 -12.87
CA ALA A 3 -12.12 25.97 -11.99
C ALA A 3 -12.97 25.69 -10.74
N MET A 4 -13.42 24.45 -10.58
CA MET A 4 -14.23 24.09 -9.42
C MET A 4 -13.36 23.91 -8.18
N ILE A 5 -13.96 24.06 -6.98
CA ILE A 5 -13.24 23.76 -5.74
C ILE A 5 -13.32 22.24 -5.62
N LYS A 6 -12.16 21.60 -5.68
CA LYS A 6 -12.04 20.16 -5.67
C LYS A 6 -11.80 19.55 -4.32
N GLN A 7 -12.17 18.28 -4.20
CA GLN A 7 -11.88 17.51 -3.01
C GLN A 7 -10.37 17.34 -2.92
N ARG A 8 -9.84 17.17 -1.69
CA ARG A 8 -8.40 17.01 -1.51
C ARG A 8 -8.05 15.81 -0.68
N THR A 9 -6.92 15.20 -1.00
CA THR A 9 -6.33 14.12 -0.20
C THR A 9 -4.84 14.42 -0.07
N LEU A 10 -4.09 13.47 0.49
CA LEU A 10 -2.65 13.58 0.61
C LEU A 10 -1.98 13.15 -0.68
N LYS A 11 -0.86 13.79 -1.02
CA LYS A 11 -0.07 13.42 -2.20
C LYS A 11 0.80 12.20 -1.86
N ASN A 12 1.28 12.10 -0.62
CA ASN A 12 2.15 11.02 -0.16
C ASN A 12 1.79 10.56 1.25
N ILE A 13 2.28 9.38 1.63
CA ILE A 13 2.10 8.83 2.97
C ILE A 13 2.93 9.67 3.97
N ILE A 14 2.33 10.00 5.11
CA ILE A 14 2.94 10.75 6.21
C ILE A 14 3.13 9.81 7.39
N ARG A 15 4.30 9.85 8.02
CA ARG A 15 4.60 9.03 9.20
C ARG A 15 4.99 9.90 10.38
N ALA A 16 4.39 9.63 11.56
CA ALA A 16 4.68 10.35 12.81
C ALA A 16 4.67 9.39 14.00
N THR A 17 5.47 9.73 15.02
CA THR A 17 5.53 8.95 16.24
C THR A 17 5.36 9.91 17.40
N GLY A 18 4.74 9.44 18.45
CA GLY A 18 4.58 10.26 19.64
C GLY A 18 3.96 9.48 20.76
N VAL A 19 3.40 10.19 21.74
CA VAL A 19 2.79 9.62 22.93
C VAL A 19 1.37 10.19 23.13
N GLY A 20 0.46 9.34 23.64
CA GLY A 20 -0.89 9.77 23.95
C GLY A 20 -0.88 10.62 25.21
N LEU A 21 -1.55 11.80 25.18
CA LEU A 21 -1.64 12.72 26.30
C LEU A 21 -2.26 12.05 27.51
N HIS A 22 -3.35 11.32 27.31
CA HIS A 22 -4.10 10.70 28.38
C HIS A 22 -3.54 9.33 28.74
N SER A 23 -3.26 8.49 27.75
CA SER A 23 -2.75 7.13 27.97
C SER A 23 -1.25 7.05 28.31
N GLY A 24 -0.45 8.01 27.82
CA GLY A 24 1.00 7.93 27.97
C GLY A 24 1.62 6.85 27.11
N GLU A 25 0.82 6.18 26.22
CA GLU A 25 1.37 5.10 25.39
C GLU A 25 2.05 5.64 24.13
N LYS A 26 3.12 4.97 23.72
CA LYS A 26 3.83 5.28 22.47
C LYS A 26 2.93 4.88 21.32
N VAL A 27 2.81 5.74 20.29
CA VAL A 27 1.93 5.47 19.17
C VAL A 27 2.58 5.86 17.85
N TYR A 28 2.34 5.04 16.83
CA TYR A 28 2.79 5.28 15.47
C TYR A 28 1.58 5.72 14.70
N LEU A 29 1.67 6.89 14.08
CA LEU A 29 0.61 7.48 13.28
C LEU A 29 1.03 7.46 11.82
N THR A 30 0.11 7.03 10.94
CA THR A 30 0.35 7.01 9.49
C THR A 30 -0.84 7.65 8.79
N LEU A 31 -0.57 8.70 8.00
CA LEU A 31 -1.60 9.36 7.20
C LEU A 31 -1.46 8.89 5.77
N LYS A 32 -2.55 8.39 5.19
CA LYS A 32 -2.57 7.84 3.84
C LYS A 32 -3.60 8.50 2.91
N PRO A 33 -3.29 8.62 1.60
CA PRO A 33 -4.32 9.10 0.65
C PRO A 33 -5.54 8.18 0.68
N ALA A 34 -6.71 8.70 0.36
CA ALA A 34 -7.96 7.96 0.33
C ALA A 34 -8.80 8.40 -0.86
N PRO A 35 -9.66 7.52 -1.40
CA PRO A 35 -10.47 7.91 -2.57
C PRO A 35 -11.46 9.03 -2.27
N VAL A 36 -12.00 9.64 -3.34
CA VAL A 36 -13.03 10.66 -3.24
C VAL A 36 -14.22 10.14 -2.38
N ASP A 37 -14.85 11.03 -1.59
CA ASP A 37 -16.02 10.76 -0.75
C ASP A 37 -15.76 9.70 0.35
N THR A 38 -14.50 9.47 0.74
CA THR A 38 -14.18 8.55 1.85
C THR A 38 -14.37 9.30 3.18
N GLY A 39 -13.93 10.54 3.20
CA GLY A 39 -13.88 11.35 4.40
C GLY A 39 -12.64 10.97 5.19
N ILE A 40 -12.55 11.42 6.43
CA ILE A 40 -11.43 11.07 7.31
C ILE A 40 -11.82 9.78 8.02
N VAL A 41 -10.97 8.73 7.90
CA VAL A 41 -11.31 7.45 8.53
C VAL A 41 -10.14 7.01 9.40
N PHE A 42 -10.38 6.81 10.72
CA PHE A 42 -9.30 6.31 11.60
C PHE A 42 -9.26 4.80 11.52
N SER A 43 -8.08 4.23 11.58
CA SER A 43 -7.90 2.78 11.52
CA SER A 43 -7.89 2.78 11.51
C SER A 43 -6.98 2.28 12.64
N ARG A 44 -7.46 1.32 13.44
CA ARG A 44 -6.64 0.73 14.51
C ARG A 44 -5.92 -0.49 13.93
N THR A 45 -4.67 -0.29 13.48
CA THR A 45 -3.90 -1.35 12.80
C THR A 45 -3.22 -2.34 13.77
N ASP A 46 -3.28 -2.08 15.08
CA ASP A 46 -2.75 -2.97 16.13
C ASP A 46 -3.75 -4.11 16.41
N LEU A 47 -4.99 -3.96 15.95
CA LEU A 47 -6.05 -4.95 16.23
C LEU A 47 -6.23 -5.94 15.09
N ASP A 48 -6.77 -7.14 15.43
CA ASP A 48 -7.09 -8.21 14.49
C ASP A 48 -8.55 -8.65 14.70
N PRO A 49 -9.46 -8.39 13.74
CA PRO A 49 -9.23 -7.67 12.48
C PRO A 49 -9.08 -6.15 12.72
N VAL A 50 -8.57 -5.45 11.71
CA VAL A 50 -8.34 -4.00 11.70
C VAL A 50 -9.70 -3.32 11.83
N VAL A 51 -9.81 -2.36 12.78
CA VAL A 51 -11.07 -1.67 13.02
C VAL A 51 -10.98 -0.27 12.48
N GLU A 52 -11.94 0.08 11.60
CA GLU A 52 -12.06 1.39 10.95
C GLU A 52 -13.15 2.23 11.60
N ILE A 53 -12.83 3.48 11.94
CA ILE A 53 -13.79 4.39 12.55
C ILE A 53 -13.82 5.71 11.78
N PRO A 54 -14.89 5.92 10.99
CA PRO A 54 -15.03 7.21 10.26
C PRO A 54 -15.10 8.38 11.25
N ALA A 55 -14.41 9.49 10.94
CA ALA A 55 -14.38 10.64 11.83
C ALA A 55 -15.66 11.46 11.59
N ARG A 56 -16.77 10.98 12.21
CA ARG A 56 -18.12 11.51 12.04
C ARG A 56 -18.78 11.67 13.39
N ALA A 57 -19.66 12.68 13.52
CA ALA A 57 -20.32 13.01 14.79
C ALA A 57 -21.02 11.80 15.47
N GLU A 58 -21.61 10.89 14.68
CA GLU A 58 -22.33 9.70 15.17
C GLU A 58 -21.39 8.70 15.87
N ASN A 59 -20.07 8.79 15.60
CA ASN A 59 -19.09 7.87 16.18
C ASN A 59 -18.42 8.43 17.42
N VAL A 60 -18.84 9.62 17.87
CA VAL A 60 -18.24 10.22 19.06
C VAL A 60 -18.74 9.52 20.32
N GLY A 61 -17.78 8.99 21.07
CA GLY A 61 -18.08 8.32 22.34
C GLY A 61 -17.96 9.33 23.45
N GLU A 62 -16.90 9.21 24.24
CA GLU A 62 -16.58 10.07 25.38
C GLU A 62 -16.17 11.45 24.91
N THR A 63 -16.50 12.47 25.70
CA THR A 63 -16.18 13.86 25.40
C THR A 63 -15.75 14.62 26.68
N THR A 64 -15.21 13.90 27.67
CA THR A 64 -14.81 14.50 28.95
C THR A 64 -13.59 15.44 28.76
N MET A 65 -12.38 14.91 28.52
CA MET A 65 -11.26 15.85 28.36
C MET A 65 -10.81 16.00 26.93
N SER A 66 -11.19 15.05 26.07
CA SER A 66 -10.82 15.09 24.66
C SER A 66 -11.96 14.53 23.82
N THR A 67 -11.88 14.61 22.48
CA THR A 67 -12.93 14.00 21.67
C THR A 67 -12.50 12.58 21.37
N THR A 68 -13.35 11.61 21.71
CA THR A 68 -13.07 10.19 21.48
C THR A 68 -14.05 9.60 20.45
N LEU A 69 -13.54 8.84 19.50
CA LEU A 69 -14.34 8.07 18.54
C LEU A 69 -14.45 6.65 19.05
N VAL A 70 -15.61 6.01 18.87
CA VAL A 70 -15.84 4.66 19.36
C VAL A 70 -16.62 3.88 18.30
N LYS A 71 -16.31 2.58 18.22
CA LYS A 71 -17.00 1.56 17.41
C LYS A 71 -16.89 0.29 18.23
N GLY A 72 -18.00 -0.09 18.85
CA GLY A 72 -18.05 -1.24 19.75
C GLY A 72 -17.26 -0.87 20.98
N ASP A 73 -16.25 -1.64 21.34
CA ASP A 73 -15.45 -1.19 22.48
C ASP A 73 -14.04 -0.73 22.03
N VAL A 74 -13.88 -0.47 20.72
CA VAL A 74 -12.66 0.04 20.09
C VAL A 74 -12.74 1.56 20.12
N LYS A 75 -11.69 2.22 20.61
CA LYS A 75 -11.62 3.66 20.76
C LYS A 75 -10.43 4.26 20.03
N VAL A 76 -10.59 5.51 19.61
CA VAL A 76 -9.53 6.38 19.10
C VAL A 76 -9.69 7.67 19.87
N ASP A 77 -8.79 7.95 20.82
CA ASP A 77 -8.91 9.11 21.67
C ASP A 77 -8.15 10.32 21.15
N THR A 78 -8.57 11.53 21.53
CA THR A 78 -7.91 12.84 21.26
C THR A 78 -7.71 13.05 19.75
N VAL A 79 -8.80 12.99 19.00
CA VAL A 79 -8.75 13.20 17.54
C VAL A 79 -8.78 14.71 17.16
N GLU A 80 -9.18 15.61 18.08
CA GLU A 80 -9.47 17.04 17.78
C GLU A 80 -8.32 17.86 17.18
N HIS A 81 -7.08 17.66 17.61
CA HIS A 81 -5.98 18.51 17.09
C HIS A 81 -5.59 18.08 15.64
N LEU A 82 -5.57 16.79 15.38
CA LEU A 82 -5.29 16.26 14.04
C LEU A 82 -6.41 16.66 13.08
N LEU A 83 -7.68 16.56 13.51
CA LEU A 83 -8.83 16.96 12.68
C LEU A 83 -8.83 18.47 12.46
N SER A 84 -8.38 19.25 13.46
CA SER A 84 -8.25 20.70 13.30
C SER A 84 -7.26 21.01 12.16
N ALA A 85 -6.12 20.31 12.13
CA ALA A 85 -5.08 20.46 11.08
C ALA A 85 -5.64 20.07 9.70
N MET A 86 -6.43 18.97 9.65
CA MET A 86 -7.07 18.45 8.41
CA MET A 86 -7.03 18.49 8.39
C MET A 86 -8.08 19.47 7.88
N ALA A 87 -8.88 20.06 8.79
CA ALA A 87 -9.90 21.05 8.41
C ALA A 87 -9.22 22.31 7.91
N GLY A 88 -8.21 22.77 8.65
CA GLY A 88 -7.47 23.97 8.31
C GLY A 88 -6.82 23.93 6.95
N LEU A 89 -6.37 22.74 6.52
CA LEU A 89 -5.71 22.58 5.22
C LEU A 89 -6.65 22.06 4.12
N GLY A 90 -7.91 21.87 4.46
CA GLY A 90 -8.94 21.43 3.51
C GLY A 90 -8.85 19.99 3.03
N ILE A 91 -8.31 19.08 3.87
CA ILE A 91 -8.22 17.66 3.49
C ILE A 91 -9.60 17.03 3.63
N ASP A 92 -10.14 16.46 2.55
CA ASP A 92 -11.44 15.83 2.60
C ASP A 92 -11.32 14.37 2.93
N ASN A 93 -10.37 13.69 2.28
CA ASN A 93 -10.26 12.23 2.33
C ASN A 93 -8.92 11.76 2.79
N ALA A 94 -8.89 10.86 3.80
CA ALA A 94 -7.63 10.33 4.34
C ALA A 94 -7.85 9.19 5.28
N TYR A 95 -6.88 8.26 5.29
CA TYR A 95 -6.84 7.13 6.21
C TYR A 95 -5.85 7.46 7.29
N VAL A 96 -6.30 7.43 8.52
CA VAL A 96 -5.45 7.74 9.65
C VAL A 96 -5.20 6.45 10.39
N GLU A 97 -4.02 5.87 10.18
CA GLU A 97 -3.66 4.61 10.83
C GLU A 97 -2.97 4.84 12.17
N LEU A 98 -3.41 4.12 13.20
CA LEU A 98 -2.82 4.26 14.54
C LEU A 98 -2.47 2.90 15.11
N SER A 99 -1.34 2.81 15.79
CA SER A 99 -0.90 1.57 16.43
C SER A 99 -1.38 1.48 17.90
N ALA A 100 -2.15 2.47 18.37
CA ALA A 100 -2.65 2.53 19.75
C ALA A 100 -3.98 3.33 19.79
N SER A 101 -4.70 3.28 20.92
CA SER A 101 -6.03 3.91 21.09
C SER A 101 -6.06 5.45 21.17
N GLU A 102 -4.95 6.15 20.92
CA GLU A 102 -4.90 7.60 21.11
C GLU A 102 -3.92 8.23 20.14
N VAL A 103 -4.36 9.32 19.50
CA VAL A 103 -3.57 10.13 18.56
C VAL A 103 -2.39 10.74 19.38
N PRO A 104 -1.14 10.74 18.87
CA PRO A 104 -0.05 11.35 19.66
C PRO A 104 -0.31 12.84 19.90
N ILE A 105 0.09 13.35 21.07
CA ILE A 105 -0.15 14.74 21.41
C ILE A 105 0.86 15.70 20.71
N MET A 106 2.03 15.20 20.27
CA MET A 106 3.08 16.00 19.60
C MET A 106 3.49 17.15 20.54
N ASP A 107 3.40 18.42 20.12
CA ASP A 107 3.78 19.55 21.00
C ASP A 107 2.54 20.19 21.66
N GLY A 108 1.38 19.54 21.54
CA GLY A 108 0.14 20.05 22.12
C GLY A 108 -0.71 20.93 21.22
N SER A 109 -0.23 21.20 20.00
CA SER A 109 -0.96 22.03 19.03
C SER A 109 -1.23 21.27 17.74
N ALA A 110 -1.72 21.96 16.71
CA ALA A 110 -1.89 21.35 15.39
C ALA A 110 -0.64 21.63 14.49
N GLY A 111 0.29 22.43 15.00
CA GLY A 111 1.50 22.82 14.27
C GLY A 111 2.27 21.66 13.64
N PRO A 112 2.71 20.65 14.43
CA PRO A 112 3.45 19.51 13.84
C PRO A 112 2.62 18.74 12.81
N PHE A 113 1.27 18.63 12.96
CA PHE A 113 0.42 17.96 11.96
C PHE A 113 0.33 18.77 10.69
N VAL A 114 0.10 20.11 10.80
CA VAL A 114 0.00 20.92 9.58
C VAL A 114 1.34 20.85 8.82
N PHE A 115 2.48 20.83 9.56
CA PHE A 115 3.80 20.72 8.92
C PHE A 115 3.97 19.33 8.24
N LEU A 116 3.62 18.25 8.90
CA LEU A 116 3.73 16.92 8.28
C LEU A 116 2.86 16.80 7.02
N ILE A 117 1.64 17.34 7.06
CA ILE A 117 0.75 17.26 5.90
C ILE A 117 1.33 18.07 4.73
N GLN A 118 1.67 19.34 4.96
CA GLN A 118 2.21 20.19 3.91
C GLN A 118 3.56 19.67 3.36
N SER A 119 4.35 18.97 4.20
CA SER A 119 5.62 18.38 3.74
C SER A 119 5.33 17.30 2.69
N ALA A 120 4.32 16.46 2.96
CA ALA A 120 3.89 15.42 2.03
C ALA A 120 3.20 16.02 0.82
N GLY A 121 2.48 17.12 1.03
CA GLY A 121 1.75 17.80 -0.04
C GLY A 121 0.33 17.28 -0.19
N LEU A 122 -0.50 18.14 -0.76
CA LEU A 122 -1.90 17.86 -1.04
C LEU A 122 -2.11 17.49 -2.49
N GLN A 123 -3.12 16.65 -2.73
CA GLN A 123 -3.49 16.18 -4.05
C GLN A 123 -4.98 16.54 -4.29
N GLU A 124 -5.25 17.38 -5.29
CA GLU A 124 -6.63 17.70 -5.66
C GLU A 124 -7.19 16.49 -6.39
N GLN A 125 -8.46 16.16 -6.15
CA GLN A 125 -9.08 14.98 -6.75
C GLN A 125 -10.13 15.44 -7.73
N GLU A 126 -10.57 14.57 -8.67
CA GLU A 126 -11.51 14.95 -9.71
C GLU A 126 -12.97 14.79 -9.27
N ALA A 127 -13.34 15.55 -8.24
CA ALA A 127 -14.71 15.60 -7.69
C ALA A 127 -14.86 16.87 -6.89
N ALA A 128 -16.02 17.54 -7.03
CA ALA A 128 -16.32 18.78 -6.31
C ALA A 128 -16.33 18.55 -4.80
N LYS A 129 -15.75 19.51 -4.10
CA LYS A 129 -15.72 19.54 -2.66
C LYS A 129 -17.11 19.93 -2.17
N LYS A 130 -17.63 19.20 -1.21
CA LYS A 130 -18.97 19.49 -0.71
C LYS A 130 -18.88 20.24 0.59
N PHE A 131 -19.64 21.34 0.68
CA PHE A 131 -19.67 22.15 1.91
C PHE A 131 -21.01 22.07 2.56
N ILE A 132 -21.04 22.27 3.87
CA ILE A 132 -22.30 22.36 4.57
C ILE A 132 -22.52 23.85 4.89
N ARG A 133 -23.55 24.45 4.27
CA ARG A 133 -23.89 25.84 4.47
CA ARG A 133 -23.89 25.85 4.46
C ARG A 133 -24.97 25.99 5.52
N ILE A 134 -24.70 26.77 6.59
CA ILE A 134 -25.68 27.05 7.65
C ILE A 134 -26.74 27.99 7.04
N LYS A 135 -28.02 27.59 7.09
CA LYS A 135 -29.14 28.39 6.57
C LYS A 135 -29.90 29.11 7.67
N ARG A 136 -29.94 28.51 8.86
CA ARG A 136 -30.65 29.05 10.02
C ARG A 136 -29.81 28.86 11.26
N GLU A 137 -30.00 29.72 12.25
CA GLU A 137 -29.31 29.60 13.51
C GLU A 137 -29.68 28.34 14.24
N VAL A 138 -28.69 27.75 14.90
CA VAL A 138 -28.84 26.55 15.71
C VAL A 138 -27.97 26.77 16.92
N SER A 139 -28.54 26.61 18.12
CA SER A 139 -27.77 26.76 19.35
C SER A 139 -28.09 25.67 20.34
N VAL A 140 -27.12 25.40 21.23
CA VAL A 140 -27.26 24.45 22.32
C VAL A 140 -26.69 25.15 23.55
N GLU A 141 -27.30 24.92 24.71
CA GLU A 141 -26.80 25.43 25.99
C GLU A 141 -26.87 24.36 27.05
N GLU A 142 -26.04 24.54 28.09
CA GLU A 142 -26.08 23.73 29.28
C GLU A 142 -25.46 24.57 30.36
N GLY A 143 -26.30 25.04 31.29
CA GLY A 143 -25.86 25.94 32.34
C GLY A 143 -25.38 27.24 31.71
N ASP A 144 -24.18 27.70 32.07
CA ASP A 144 -23.71 28.94 31.46
C ASP A 144 -22.83 28.72 30.18
N LYS A 145 -22.77 27.49 29.65
CA LYS A 145 -22.03 27.16 28.42
C LYS A 145 -22.96 27.27 27.24
N ARG A 146 -22.48 27.80 26.11
CA ARG A 146 -23.31 27.96 24.92
C ARG A 146 -22.48 27.76 23.66
N ALA A 147 -23.08 27.17 22.62
CA ALA A 147 -22.42 26.96 21.33
C ALA A 147 -23.47 27.24 20.27
N VAL A 148 -23.14 28.08 19.26
CA VAL A 148 -24.11 28.53 18.25
CA VAL A 148 -24.13 28.45 18.24
C VAL A 148 -23.53 28.47 16.84
N PHE A 149 -24.36 28.08 15.86
CA PHE A 149 -24.09 28.13 14.45
C PHE A 149 -24.92 29.30 13.95
N VAL A 150 -24.32 30.24 13.22
CA VAL A 150 -25.03 31.41 12.68
C VAL A 150 -24.81 31.43 11.16
N PRO A 151 -25.83 31.71 10.30
CA PRO A 151 -25.53 31.84 8.85
C PRO A 151 -24.50 32.95 8.63
N PHE A 152 -23.50 32.68 7.79
CA PHE A 152 -22.38 33.60 7.51
C PHE A 152 -21.73 33.20 6.19
N ASP A 153 -21.50 34.17 5.30
CA ASP A 153 -20.91 33.91 3.99
C ASP A 153 -19.36 33.80 4.07
N GLY A 154 -18.87 32.66 4.56
CA GLY A 154 -17.45 32.35 4.74
C GLY A 154 -17.33 31.38 5.89
N PHE A 155 -16.22 31.42 6.63
CA PHE A 155 -16.03 30.58 7.81
C PHE A 155 -15.39 31.42 8.92
N LYS A 156 -16.06 31.51 10.07
CA LYS A 156 -15.63 32.35 11.18
C LYS A 156 -15.87 31.65 12.50
N VAL A 157 -14.91 31.73 13.45
CA VAL A 157 -15.00 31.07 14.76
C VAL A 157 -14.75 32.13 15.82
N SER A 158 -15.72 32.29 16.74
CA SER A 158 -15.59 33.20 17.89
C SER A 158 -15.59 32.36 19.14
N PHE A 159 -14.73 32.71 20.08
CA PHE A 159 -14.68 31.93 21.30
C PHE A 159 -14.40 32.83 22.47
N GLU A 160 -15.05 32.54 23.58
CA GLU A 160 -14.82 33.25 24.81
C GLU A 160 -14.66 32.27 25.97
N ILE A 161 -13.60 32.47 26.79
CA ILE A 161 -13.34 31.66 27.98
C ILE A 161 -13.52 32.53 29.22
N ASP A 162 -13.68 31.91 30.38
CA ASP A 162 -13.97 32.68 31.58
C ASP A 162 -13.25 32.07 32.77
N PHE A 163 -12.00 32.48 32.97
CA PHE A 163 -11.22 32.03 34.10
C PHE A 163 -10.96 33.20 35.03
N ASP A 164 -11.29 33.05 36.32
CA ASP A 164 -11.06 34.08 37.34
C ASP A 164 -9.69 33.75 37.91
N HIS A 165 -8.65 34.19 37.19
CA HIS A 165 -7.25 33.86 37.42
C HIS A 165 -6.32 35.03 36.98
N PRO A 166 -5.23 35.37 37.72
CA PRO A 166 -4.38 36.53 37.34
C PRO A 166 -3.76 36.50 35.93
N VAL A 167 -3.60 35.32 35.35
CA VAL A 167 -3.05 35.16 34.00
C VAL A 167 -4.14 35.42 32.93
N PHE A 168 -5.42 35.45 33.33
CA PHE A 168 -6.51 35.51 32.35
C PHE A 168 -7.37 36.76 32.42
N ARG A 169 -6.73 37.92 32.45
CA ARG A 169 -7.39 39.22 32.49
C ARG A 169 -7.31 39.86 31.09
N GLY A 170 -8.06 40.94 30.90
CA GLY A 170 -8.06 41.67 29.63
C GLY A 170 -8.79 41.01 28.49
N ARG A 171 -8.56 41.51 27.27
CA ARG A 171 -9.18 41.11 26.01
C ARG A 171 -8.65 39.78 25.48
N THR A 172 -7.70 39.16 26.21
CA THR A 172 -7.10 37.88 25.84
C THR A 172 -8.07 36.71 26.02
N GLN A 173 -9.24 36.92 26.74
CA GLN A 173 -10.23 35.85 27.02
C GLN A 173 -11.26 35.67 25.90
N GLN A 174 -11.23 36.51 24.86
CA GLN A 174 -12.14 36.40 23.70
C GLN A 174 -11.36 36.59 22.40
N ALA A 175 -11.73 35.82 21.36
CA ALA A 175 -11.12 35.97 20.05
C ALA A 175 -12.08 35.54 18.97
N SER A 176 -12.00 36.21 17.83
CA SER A 176 -12.75 35.92 16.61
C SER A 176 -11.77 35.76 15.48
N VAL A 177 -11.86 34.66 14.71
CA VAL A 177 -10.98 34.49 13.57
C VAL A 177 -11.87 34.28 12.35
N ASP A 178 -11.73 35.17 11.35
CA ASP A 178 -12.43 35.11 10.07
C ASP A 178 -11.40 34.60 9.08
N PHE A 179 -11.64 33.39 8.56
CA PHE A 179 -10.68 32.71 7.71
C PHE A 179 -10.59 33.28 6.27
N SER A 180 -11.32 34.36 5.96
CA SER A 180 -11.18 35.04 4.67
C SER A 180 -9.93 35.95 4.70
N SER A 181 -9.56 36.45 5.89
CA SER A 181 -8.45 37.38 6.08
C SER A 181 -7.36 36.85 7.05
N THR A 182 -7.64 35.75 7.76
CA THR A 182 -6.71 35.22 8.74
C THR A 182 -6.37 33.75 8.44
N SER A 183 -5.06 33.45 8.45
CA SER A 183 -4.52 32.13 8.19
C SER A 183 -4.68 31.21 9.42
N PHE A 184 -5.31 30.03 9.24
CA PHE A 184 -5.37 29.00 10.27
C PHE A 184 -3.93 28.64 10.71
N VAL A 185 -3.05 28.44 9.70
CA VAL A 185 -1.65 28.05 9.93
C VAL A 185 -0.94 29.10 10.78
N LYS A 186 -1.01 30.37 10.39
CA LYS A 186 -0.27 31.43 11.10
C LYS A 186 -0.86 31.79 12.46
N GLU A 187 -2.19 31.95 12.53
CA GLU A 187 -2.80 32.48 13.75
C GLU A 187 -3.46 31.46 14.67
N VAL A 188 -3.66 30.20 14.24
CA VAL A 188 -4.35 29.24 15.13
C VAL A 188 -3.51 27.98 15.39
N SER A 189 -2.86 27.41 14.34
CA SER A 189 -2.26 26.07 14.37
C SER A 189 -1.25 25.84 15.49
N ARG A 190 -0.47 26.86 15.90
CA ARG A 190 0.58 26.74 16.91
C ARG A 190 0.06 26.84 18.34
N ALA A 191 -1.27 27.08 18.56
CA ALA A 191 -1.82 27.24 19.92
C ALA A 191 -1.88 25.89 20.64
N ARG A 192 -1.17 25.78 21.77
CA ARG A 192 -1.05 24.51 22.51
C ARG A 192 -2.15 24.33 23.52
N THR A 193 -2.38 23.05 23.87
CA THR A 193 -3.30 22.63 24.90
C THR A 193 -2.77 23.15 26.23
N PHE A 194 -3.62 23.18 27.24
CA PHE A 194 -3.19 23.76 28.51
C PHE A 194 -3.89 23.09 29.67
N GLY A 195 -3.31 23.21 30.86
CA GLY A 195 -3.92 22.65 32.05
C GLY A 195 -3.50 23.42 33.29
N PHE A 196 -4.37 23.44 34.29
CA PHE A 196 -4.04 24.13 35.53
C PHE A 196 -3.44 23.13 36.50
N MET A 197 -2.40 23.55 37.23
CA MET A 197 -1.67 22.71 38.19
C MET A 197 -2.63 21.97 39.17
N ARG A 198 -3.65 22.65 39.75
CA ARG A 198 -4.58 21.97 40.69
C ARG A 198 -5.32 20.80 39.99
N ASP A 199 -5.78 20.99 38.75
CA ASP A 199 -6.46 19.93 37.98
C ASP A 199 -5.51 18.80 37.61
N ILE A 200 -4.25 19.15 37.25
CA ILE A 200 -3.21 18.20 36.87
C ILE A 200 -2.86 17.33 38.06
N GLU A 201 -2.73 17.93 39.26
CA GLU A 201 -2.45 17.16 40.47
C GLU A 201 -3.60 16.17 40.73
N TYR A 202 -4.85 16.59 40.51
CA TYR A 202 -5.97 15.68 40.72
C TYR A 202 -5.88 14.53 39.69
N LEU A 203 -5.64 14.86 38.41
CA LEU A 203 -5.53 13.84 37.35
C LEU A 203 -4.44 12.81 37.68
N ARG A 204 -3.25 13.30 38.10
CA ARG A 204 -2.10 12.46 38.43
CA ARG A 204 -2.14 12.41 38.40
C ARG A 204 -2.44 11.53 39.60
N SER A 205 -3.17 12.05 40.61
CA SER A 205 -3.57 11.28 41.79
C SER A 205 -4.43 10.08 41.39
N GLN A 206 -5.10 10.17 40.23
CA GLN A 206 -5.99 9.13 39.69
C GLN A 206 -5.32 8.34 38.55
N ASN A 207 -4.01 8.55 38.30
CA ASN A 207 -3.24 7.92 37.21
C ASN A 207 -3.82 8.32 35.85
N LEU A 208 -4.25 9.56 35.72
CA LEU A 208 -4.79 10.06 34.46
C LEU A 208 -3.79 11.03 33.82
N ALA A 209 -4.02 11.37 32.55
CA ALA A 209 -3.21 12.28 31.72
C ALA A 209 -1.70 11.94 31.87
N LEU A 210 -1.37 10.66 31.66
CA LEU A 210 -0.03 10.11 31.87
C LEU A 210 1.03 10.62 30.86
N GLY A 211 0.60 11.16 29.72
CA GLY A 211 1.53 11.63 28.71
C GLY A 211 1.81 13.11 28.74
N GLY A 212 1.13 13.84 29.62
CA GLY A 212 1.27 15.29 29.73
C GLY A 212 2.54 15.78 30.41
N SER A 213 3.10 16.89 29.90
CA SER A 213 4.28 17.57 30.46
C SER A 213 4.36 18.98 29.87
N VAL A 214 5.34 19.80 30.34
CA VAL A 214 5.58 21.15 29.82
C VAL A 214 6.05 21.06 28.35
N GLU A 215 6.42 19.86 27.85
CA GLU A 215 6.85 19.69 26.44
C GLU A 215 5.67 19.57 25.46
N ASN A 216 4.44 19.26 25.95
CA ASN A 216 3.30 19.13 25.05
C ASN A 216 2.06 19.89 25.53
N ALA A 217 2.24 20.82 26.49
CA ALA A 217 1.16 21.62 27.06
C ALA A 217 1.63 22.85 27.83
N ILE A 218 0.79 23.90 27.87
CA ILE A 218 1.04 25.08 28.73
C ILE A 218 0.59 24.66 30.12
N VAL A 219 1.43 24.83 31.14
CA VAL A 219 1.05 24.46 32.49
C VAL A 219 0.96 25.75 33.30
N VAL A 220 -0.19 25.99 33.90
CA VAL A 220 -0.42 27.22 34.67
C VAL A 220 -0.71 26.88 36.13
N ASP A 221 0.00 27.48 37.08
CA ASP A 221 -0.34 27.23 38.49
C ASP A 221 -1.36 28.30 38.94
N GLU A 222 -1.40 28.68 40.23
CA GLU A 222 -2.36 29.65 40.74
C GLU A 222 -2.10 31.11 40.25
N ASN A 223 -0.84 31.43 39.83
CA ASN A 223 -0.44 32.79 39.47
C ASN A 223 0.29 32.97 38.13
N ARG A 224 0.89 31.90 37.57
CA ARG A 224 1.70 32.04 36.34
C ARG A 224 1.77 30.80 35.47
N VAL A 225 2.33 31.00 34.27
CA VAL A 225 2.67 29.97 33.29
C VAL A 225 3.98 29.40 33.75
N LEU A 226 4.07 28.07 33.95
CA LEU A 226 5.31 27.45 34.41
C LEU A 226 6.32 27.20 33.27
N ASN A 227 5.86 27.00 32.00
CA ASN A 227 6.75 26.77 30.84
C ASN A 227 7.79 27.88 30.79
N GLU A 228 9.08 27.54 30.90
CA GLU A 228 10.17 28.51 30.94
C GLU A 228 10.19 29.43 29.71
N ASP A 229 9.87 28.88 28.52
CA ASP A 229 9.93 29.60 27.26
C ASP A 229 8.73 30.51 26.92
N GLY A 230 7.69 30.52 27.75
CA GLY A 230 6.57 31.42 27.53
C GLY A 230 5.49 30.95 26.56
N LEU A 231 4.70 31.90 26.05
CA LEU A 231 3.57 31.64 25.15
C LEU A 231 3.93 31.93 23.71
N ARG A 232 3.22 31.29 22.79
CA ARG A 232 3.40 31.48 21.34
C ARG A 232 2.52 32.62 20.81
N TYR A 233 1.47 32.96 21.54
CA TYR A 233 0.52 34.03 21.23
C TYR A 233 0.12 34.67 22.52
N GLU A 234 -0.18 35.96 22.49
CA GLU A 234 -0.65 36.66 23.69
C GLU A 234 -1.96 36.01 24.19
N ASP A 235 -2.80 35.54 23.26
CA ASP A 235 -4.06 34.91 23.63
C ASP A 235 -4.03 33.40 23.26
N GLU A 236 -2.91 32.70 23.56
CA GLU A 236 -2.75 31.29 23.17
C GLU A 236 -3.88 30.35 23.68
N PHE A 237 -4.36 30.56 24.91
CA PHE A 237 -5.41 29.72 25.50
C PHE A 237 -6.71 29.80 24.71
N VAL A 238 -7.22 31.03 24.42
CA VAL A 238 -8.49 31.13 23.67
C VAL A 238 -8.26 30.65 22.21
N LYS A 239 -7.03 30.87 21.64
CA LYS A 239 -6.75 30.37 20.29
C LYS A 239 -6.73 28.83 20.29
N HIS A 240 -6.35 28.18 21.43
CA HIS A 240 -6.36 26.72 21.45
C HIS A 240 -7.82 26.20 21.46
N LYS A 241 -8.71 26.87 22.20
CA LYS A 241 -10.15 26.52 22.24
C LYS A 241 -10.77 26.66 20.83
N ILE A 242 -10.29 27.66 20.05
CA ILE A 242 -10.71 27.84 18.64
C ILE A 242 -10.20 26.66 17.83
N LEU A 243 -8.93 26.28 18.06
CA LEU A 243 -8.35 25.13 17.35
C LEU A 243 -9.22 23.89 17.65
N ASP A 244 -9.55 23.67 18.94
CA ASP A 244 -10.41 22.55 19.38
C ASP A 244 -11.76 22.57 18.69
N ALA A 245 -12.39 23.76 18.62
CA ALA A 245 -13.73 23.88 18.02
C ALA A 245 -13.68 23.52 16.55
N ILE A 246 -12.65 23.97 15.84
CA ILE A 246 -12.48 23.64 14.41
C ILE A 246 -12.37 22.10 14.19
N GLY A 247 -11.60 21.42 15.04
CA GLY A 247 -11.42 19.97 14.94
C GLY A 247 -12.71 19.22 15.23
N ASP A 248 -13.42 19.63 16.31
CA ASP A 248 -14.68 19.01 16.72
C ASP A 248 -15.73 19.26 15.66
N LEU A 249 -15.76 20.48 15.09
CA LEU A 249 -16.72 20.78 14.02
C LEU A 249 -16.43 19.94 12.77
N TYR A 250 -15.18 19.53 12.52
CA TYR A 250 -14.88 18.76 11.32
C TYR A 250 -15.51 17.35 11.32
N LEU A 251 -16.04 16.89 12.46
CA LEU A 251 -16.76 15.63 12.61
C LEU A 251 -18.09 15.69 11.85
N LEU A 252 -18.40 16.87 11.27
CA LEU A 252 -19.56 17.00 10.41
CA LEU A 252 -19.56 17.01 10.43
C LEU A 252 -19.31 16.21 9.14
N GLY A 253 -18.03 16.04 8.78
CA GLY A 253 -17.65 15.26 7.59
C GLY A 253 -17.46 16.11 6.34
N ASN A 254 -17.71 17.43 6.45
CA ASN A 254 -17.58 18.42 5.37
C ASN A 254 -17.23 19.79 5.93
N SER A 255 -16.51 20.61 5.15
CA SER A 255 -16.19 21.98 5.57
C SER A 255 -17.50 22.79 5.72
N LEU A 256 -17.49 23.75 6.64
CA LEU A 256 -18.66 24.57 6.95
CA LEU A 256 -18.65 24.58 6.95
C LEU A 256 -18.60 25.94 6.28
N ILE A 257 -19.77 26.46 5.95
CA ILE A 257 -20.00 27.80 5.42
C ILE A 257 -20.94 28.35 6.44
N GLY A 258 -20.37 29.08 7.37
CA GLY A 258 -21.14 29.64 8.46
C GLY A 258 -20.24 30.12 9.56
N GLU A 259 -20.85 30.45 10.68
CA GLU A 259 -20.15 31.00 11.81
C GLU A 259 -20.41 30.21 13.07
N PHE A 260 -19.34 29.96 13.84
CA PHE A 260 -19.46 29.29 15.14
C PHE A 260 -19.15 30.30 16.22
N ARG A 261 -19.98 30.35 17.24
CA ARG A 261 -19.67 31.16 18.42
C ARG A 261 -19.69 30.25 19.62
N GLY A 262 -18.64 30.27 20.42
CA GLY A 262 -18.66 29.44 21.62
C GLY A 262 -18.40 30.25 22.86
N PHE A 263 -19.10 29.92 23.96
CA PHE A 263 -18.87 30.56 25.26
C PHE A 263 -18.72 29.45 26.29
N LYS A 264 -17.46 29.23 26.78
CA LYS A 264 -17.09 28.21 27.76
C LYS A 264 -17.44 26.79 27.25
N SER A 265 -17.52 26.66 25.93
CA SER A 265 -17.92 25.42 25.27
C SER A 265 -16.74 24.43 25.27
N GLY A 266 -17.05 23.15 25.36
CA GLY A 266 -16.04 22.10 25.36
C GLY A 266 -16.39 21.08 24.30
N HIS A 267 -15.70 19.92 24.31
CA HIS A 267 -15.92 18.83 23.35
C HIS A 267 -17.35 18.28 23.43
N ALA A 268 -17.92 18.18 24.62
CA ALA A 268 -19.29 17.66 24.81
C ALA A 268 -20.33 18.57 24.15
N LEU A 269 -20.33 19.88 24.49
CA LEU A 269 -21.30 20.80 23.90
C LEU A 269 -21.07 20.96 22.40
N ASN A 270 -19.79 20.97 21.93
CA ASN A 270 -19.51 21.06 20.48
C ASN A 270 -20.17 19.90 19.76
N ASN A 271 -20.08 18.69 20.32
CA ASN A 271 -20.69 17.55 19.65
C ASN A 271 -22.24 17.60 19.75
N GLN A 272 -22.79 18.15 20.85
CA GLN A 272 -24.26 18.32 21.00
C GLN A 272 -24.75 19.32 19.97
N LEU A 273 -23.95 20.37 19.68
CA LEU A 273 -24.30 21.34 18.63
C LEU A 273 -24.37 20.64 17.25
N LEU A 274 -23.38 19.80 16.92
CA LEU A 274 -23.32 19.06 15.65
C LEU A 274 -24.52 18.14 15.49
N ARG A 275 -24.86 17.43 16.56
CA ARG A 275 -25.96 16.48 16.58
C ARG A 275 -27.31 17.21 16.38
N THR A 276 -27.43 18.44 16.93
CA THR A 276 -28.64 19.27 16.80
C THR A 276 -28.72 19.81 15.38
N LEU A 277 -27.61 20.29 14.83
CA LEU A 277 -27.59 20.78 13.45
C LEU A 277 -27.97 19.66 12.49
N ILE A 278 -27.32 18.47 12.64
CA ILE A 278 -27.58 17.31 11.78
C ILE A 278 -29.06 16.96 11.85
N ALA A 279 -29.64 16.91 13.07
CA ALA A 279 -31.07 16.61 13.23
C ALA A 279 -31.97 17.68 12.57
N ASP A 280 -31.53 18.97 12.57
CA ASP A 280 -32.37 20.04 11.99
C ASP A 280 -31.99 20.30 10.51
N LYS A 281 -32.53 19.46 9.59
CA LYS A 281 -32.25 19.48 8.14
C LYS A 281 -32.66 20.78 7.47
N ASP A 282 -33.62 21.51 8.05
CA ASP A 282 -33.99 22.81 7.47
C ASP A 282 -32.95 23.90 7.81
N ALA A 283 -32.03 23.64 8.74
CA ALA A 283 -31.03 24.65 9.12
C ALA A 283 -29.74 24.59 8.28
N TRP A 284 -29.60 23.61 7.34
CA TRP A 284 -28.37 23.50 6.53
C TRP A 284 -28.63 22.86 5.15
N GLU A 285 -27.66 23.01 4.24
CA GLU A 285 -27.76 22.44 2.89
C GLU A 285 -26.36 22.14 2.36
N VAL A 286 -26.26 21.21 1.41
CA VAL A 286 -24.98 20.82 0.83
C VAL A 286 -24.79 21.64 -0.43
N VAL A 287 -23.64 22.30 -0.54
CA VAL A 287 -23.35 23.13 -1.71
C VAL A 287 -21.97 22.80 -2.28
N THR A 288 -21.78 23.06 -3.57
CA THR A 288 -20.51 22.90 -4.29
C THR A 288 -20.25 24.21 -5.04
N PHE A 289 -19.00 24.43 -5.45
CA PHE A 289 -18.60 25.63 -6.16
C PHE A 289 -17.90 25.23 -7.43
N GLU A 290 -18.63 25.36 -8.54
CA GLU A 290 -18.12 25.03 -9.88
C GLU A 290 -17.15 26.12 -10.35
N ASP A 291 -17.22 27.31 -9.74
CA ASP A 291 -16.35 28.43 -10.01
C ASP A 291 -15.78 28.91 -8.70
N ALA A 292 -14.50 28.60 -8.46
CA ALA A 292 -13.76 28.98 -7.25
C ALA A 292 -13.81 30.49 -6.99
N ARG A 293 -13.86 31.33 -8.07
CA ARG A 293 -13.92 32.82 -8.00
C ARG A 293 -15.01 33.33 -7.07
N THR A 294 -16.23 32.77 -7.20
CA THR A 294 -17.46 33.16 -6.51
C THR A 294 -17.60 32.53 -5.10
N ALA A 295 -16.71 31.60 -4.72
CA ALA A 295 -16.75 30.89 -3.45
C ALA A 295 -16.44 31.80 -2.26
N PRO A 296 -17.17 31.68 -1.12
CA PRO A 296 -16.88 32.55 0.04
C PRO A 296 -15.74 32.04 0.92
N ILE A 297 -15.21 30.84 0.62
CA ILE A 297 -14.12 30.21 1.35
C ILE A 297 -12.99 29.90 0.38
N SER A 298 -11.75 30.12 0.82
CA SER A 298 -10.56 29.88 0.03
C SER A 298 -9.58 29.01 0.78
N TYR A 299 -9.03 28.05 0.06
CA TYR A 299 -8.02 27.15 0.60
C TYR A 299 -6.70 27.48 -0.02
N MET A 300 -5.60 27.18 0.69
CA MET A 300 -4.27 27.41 0.14
C MET A 300 -4.07 26.51 -1.04
N ARG A 301 -3.24 26.95 -1.99
CA ARG A 301 -2.89 26.14 -3.16
C ARG A 301 -2.32 24.78 -2.68
N PRO A 302 -2.58 23.67 -3.38
CA PRO A 302 -2.05 22.37 -2.94
C PRO A 302 -0.52 22.25 -3.13
N ALA B 3 6.76 -28.29 14.36
CA ALA B 3 6.50 -27.27 13.34
C ALA B 3 5.23 -27.58 12.54
N MET B 4 4.23 -26.68 12.64
CA MET B 4 2.97 -26.84 11.93
C MET B 4 3.10 -26.43 10.47
N ILE B 5 2.19 -26.92 9.61
CA ILE B 5 2.13 -26.47 8.22
C ILE B 5 1.35 -25.16 8.28
N LYS B 6 2.04 -24.07 7.95
CA LYS B 6 1.49 -22.73 8.04
C LYS B 6 0.92 -22.23 6.75
N GLN B 7 0.00 -21.25 6.87
CA GLN B 7 -0.56 -20.57 5.72
C GLN B 7 0.55 -19.75 5.10
N ARG B 8 0.45 -19.48 3.78
CA ARG B 8 1.47 -18.69 3.10
C ARG B 8 0.90 -17.53 2.31
N THR B 9 1.66 -16.45 2.24
CA THR B 9 1.30 -15.31 1.38
C THR B 9 2.59 -14.92 0.64
N LEU B 10 2.56 -13.79 -0.06
CA LEU B 10 3.74 -13.26 -0.75
C LEU B 10 4.59 -12.44 0.21
N LYS B 11 5.91 -12.46 0.04
CA LYS B 11 6.83 -11.68 0.86
C LYS B 11 6.88 -10.23 0.33
N ASN B 12 6.70 -10.07 -0.99
CA ASN B 12 6.76 -8.78 -1.67
C ASN B 12 5.71 -8.68 -2.78
N ILE B 13 5.39 -7.46 -3.19
CA ILE B 13 4.48 -7.18 -4.29
C ILE B 13 5.15 -7.63 -5.60
N ILE B 14 4.38 -8.31 -6.45
CA ILE B 14 4.80 -8.81 -7.76
C ILE B 14 4.07 -8.02 -8.81
N ARG B 15 4.78 -7.59 -9.85
CA ARG B 15 4.20 -6.84 -10.96
C ARG B 15 4.45 -7.55 -12.27
N ALA B 16 3.41 -7.68 -13.09
CA ALA B 16 3.48 -8.29 -14.43
C ALA B 16 2.57 -7.55 -15.42
N THR B 17 2.94 -7.63 -16.71
CA THR B 17 2.20 -7.02 -17.79
C THR B 17 2.09 -8.03 -18.90
N GLY B 18 0.96 -8.02 -19.57
CA GLY B 18 0.72 -8.92 -20.68
C GLY B 18 -0.54 -8.61 -21.41
N VAL B 19 -1.05 -9.60 -22.15
CA VAL B 19 -2.26 -9.46 -22.94
C VAL B 19 -3.24 -10.58 -22.62
N GLY B 20 -4.53 -10.28 -22.70
CA GLY B 20 -5.54 -11.32 -22.49
C GLY B 20 -5.61 -12.20 -23.73
N LEU B 21 -5.57 -13.52 -23.55
CA LEU B 21 -5.67 -14.51 -24.62
C LEU B 21 -6.95 -14.32 -25.42
N HIS B 22 -8.08 -14.16 -24.71
CA HIS B 22 -9.39 -14.06 -25.35
C HIS B 22 -9.69 -12.64 -25.81
N SER B 23 -9.46 -11.63 -24.96
CA SER B 23 -9.76 -10.24 -25.26
C SER B 23 -8.69 -9.52 -26.12
N GLY B 24 -7.44 -9.96 -26.05
CA GLY B 24 -6.35 -9.27 -26.73
C GLY B 24 -5.98 -7.95 -26.06
N GLU B 25 -6.57 -7.64 -24.89
CA GLU B 25 -6.31 -6.36 -24.23
C GLU B 25 -5.04 -6.40 -23.37
N LYS B 26 -4.30 -5.31 -23.38
CA LYS B 26 -3.13 -5.11 -22.53
C LYS B 26 -3.62 -5.03 -21.07
N VAL B 27 -2.93 -5.74 -20.15
CA VAL B 27 -3.36 -5.77 -18.75
C VAL B 27 -2.16 -5.73 -17.82
N TYR B 28 -2.30 -4.95 -16.72
CA TYR B 28 -1.31 -4.83 -15.66
C TYR B 28 -1.78 -5.71 -14.53
N LEU B 29 -0.94 -6.64 -14.11
CA LEU B 29 -1.24 -7.58 -13.03
C LEU B 29 -0.35 -7.25 -11.84
N THR B 30 -0.95 -7.17 -10.65
CA THR B 30 -0.21 -6.89 -9.43
C THR B 30 -0.57 -7.92 -8.37
N LEU B 31 0.41 -8.67 -7.89
CA LEU B 31 0.19 -9.65 -6.82
C LEU B 31 0.63 -9.06 -5.48
N LYS B 32 -0.25 -9.06 -4.49
CA LYS B 32 0.07 -8.47 -3.19
C LYS B 32 -0.15 -9.42 -2.03
N PRO B 33 0.61 -9.25 -0.91
CA PRO B 33 0.31 -10.05 0.27
C PRO B 33 -1.11 -9.77 0.76
N ALA B 34 -1.67 -10.70 1.49
CA ALA B 34 -3.00 -10.59 2.10
C ALA B 34 -2.97 -11.25 3.48
N PRO B 35 -3.89 -10.84 4.40
CA PRO B 35 -3.89 -11.46 5.73
C PRO B 35 -4.30 -12.92 5.73
N VAL B 36 -4.04 -13.59 6.85
CA VAL B 36 -4.46 -14.98 7.10
C VAL B 36 -5.97 -15.13 6.81
N ASP B 37 -6.37 -16.27 6.20
CA ASP B 37 -7.75 -16.65 5.88
C ASP B 37 -8.43 -15.70 4.87
N THR B 38 -7.66 -14.93 4.09
CA THR B 38 -8.24 -14.10 3.03
C THR B 38 -8.62 -14.98 1.83
N GLY B 39 -7.72 -15.92 1.51
CA GLY B 39 -7.81 -16.75 0.31
C GLY B 39 -7.28 -15.92 -0.85
N ILE B 40 -7.47 -16.37 -2.08
CA ILE B 40 -7.04 -15.59 -3.27
C ILE B 40 -8.22 -14.67 -3.66
N VAL B 41 -7.97 -13.36 -3.77
CA VAL B 41 -9.03 -12.40 -4.09
C VAL B 41 -8.63 -11.60 -5.31
N PHE B 42 -9.45 -11.64 -6.37
CA PHE B 42 -9.13 -10.82 -7.55
C PHE B 42 -9.75 -9.46 -7.36
N SER B 43 -9.09 -8.41 -7.84
CA SER B 43 -9.65 -7.07 -7.73
CA SER B 43 -9.59 -7.06 -7.71
C SER B 43 -9.45 -6.29 -9.03
N ARG B 44 -10.56 -5.75 -9.54
CA ARG B 44 -10.59 -4.97 -10.78
C ARG B 44 -10.32 -3.51 -10.38
N THR B 45 -9.05 -3.09 -10.44
CA THR B 45 -8.65 -1.74 -10.00
C THR B 45 -8.92 -0.65 -11.04
N ASP B 46 -9.32 -1.03 -12.26
CA ASP B 46 -9.72 -0.09 -13.31
C ASP B 46 -11.13 0.46 -13.05
N LEU B 47 -11.94 -0.25 -12.25
CA LEU B 47 -13.34 0.13 -12.00
C LEU B 47 -13.51 1.01 -10.76
N ASP B 48 -14.57 1.86 -10.77
CA ASP B 48 -14.95 2.76 -9.68
C ASP B 48 -16.42 2.50 -9.27
N PRO B 49 -16.68 1.95 -8.07
CA PRO B 49 -15.72 1.50 -7.07
C PRO B 49 -15.00 0.21 -7.50
N VAL B 50 -13.88 -0.08 -6.84
CA VAL B 50 -13.03 -1.24 -7.07
C VAL B 50 -13.86 -2.47 -6.73
N VAL B 51 -13.90 -3.44 -7.65
CA VAL B 51 -14.69 -4.66 -7.49
C VAL B 51 -13.78 -5.82 -7.13
N GLU B 52 -14.08 -6.48 -6.00
CA GLU B 52 -13.32 -7.63 -5.46
C GLU B 52 -14.06 -8.94 -5.74
N ILE B 53 -13.36 -9.96 -6.27
CA ILE B 53 -13.99 -11.24 -6.54
C ILE B 53 -13.16 -12.35 -5.92
N PRO B 54 -13.61 -12.95 -4.79
CA PRO B 54 -12.84 -14.08 -4.21
C PRO B 54 -12.72 -15.24 -5.20
N ALA B 55 -11.55 -15.87 -5.28
CA ALA B 55 -11.36 -16.96 -6.23
C ALA B 55 -11.95 -18.24 -5.62
N ARG B 56 -13.29 -18.35 -5.72
CA ARG B 56 -14.09 -19.43 -5.12
C ARG B 56 -15.07 -20.00 -6.11
N ALA B 57 -15.36 -21.31 -5.98
CA ALA B 57 -16.24 -22.04 -6.89
C ALA B 57 -17.57 -21.33 -7.12
N GLU B 58 -18.15 -20.74 -6.07
CA GLU B 58 -19.43 -20.03 -6.13
C GLU B 58 -19.40 -18.80 -7.05
N ASN B 59 -18.21 -18.26 -7.34
CA ASN B 59 -18.11 -17.05 -8.17
C ASN B 59 -17.77 -17.37 -9.62
N VAL B 60 -17.74 -18.64 -9.99
CA VAL B 60 -17.44 -19.04 -11.36
C VAL B 60 -18.64 -18.76 -12.23
N GLY B 61 -18.40 -18.01 -13.30
CA GLY B 61 -19.44 -17.69 -14.28
C GLY B 61 -19.27 -18.61 -15.46
N GLU B 62 -18.78 -18.05 -16.57
CA GLU B 62 -18.55 -18.77 -17.83
C GLU B 62 -17.40 -19.76 -17.72
N THR B 63 -17.53 -20.87 -18.44
CA THR B 63 -16.54 -21.95 -18.47
C THR B 63 -16.38 -22.52 -19.88
N THR B 64 -16.73 -21.75 -20.93
CA THR B 64 -16.71 -22.24 -22.33
C THR B 64 -15.30 -22.45 -22.89
N MET B 65 -14.35 -21.52 -22.65
CA MET B 65 -12.99 -21.72 -23.15
C MET B 65 -11.97 -21.63 -22.02
N SER B 66 -12.28 -20.81 -20.99
CA SER B 66 -11.44 -20.60 -19.82
C SER B 66 -12.33 -20.50 -18.58
N THR B 67 -11.72 -20.44 -17.39
CA THR B 67 -12.53 -20.27 -16.18
C THR B 67 -12.65 -18.76 -15.94
N THR B 68 -13.88 -18.29 -15.84
CA THR B 68 -14.22 -16.89 -15.61
C THR B 68 -14.88 -16.74 -14.24
N LEU B 69 -14.43 -15.74 -13.47
CA LEU B 69 -15.05 -15.34 -12.21
C LEU B 69 -15.98 -14.17 -12.52
N VAL B 70 -17.16 -14.11 -11.85
CA VAL B 70 -18.12 -13.05 -12.09
C VAL B 70 -18.69 -12.59 -10.74
N LYS B 71 -18.95 -11.27 -10.65
CA LYS B 71 -19.63 -10.59 -9.55
C LYS B 71 -20.49 -9.52 -10.22
N GLY B 72 -21.79 -9.79 -10.33
CA GLY B 72 -22.72 -8.92 -11.01
C GLY B 72 -22.41 -9.01 -12.49
N ASP B 73 -22.05 -7.90 -13.12
CA ASP B 73 -21.66 -8.05 -14.52
C ASP B 73 -20.15 -7.72 -14.68
N VAL B 74 -19.40 -7.79 -13.56
CA VAL B 74 -17.95 -7.60 -13.50
C VAL B 74 -17.33 -8.98 -13.64
N LYS B 75 -16.40 -9.14 -14.59
CA LYS B 75 -15.75 -10.39 -14.88
C LYS B 75 -14.24 -10.35 -14.70
N VAL B 76 -13.68 -11.51 -14.35
CA VAL B 76 -12.22 -11.76 -14.32
C VAL B 76 -12.05 -13.06 -15.08
N ASP B 77 -11.55 -12.98 -16.32
CA ASP B 77 -11.44 -14.13 -17.19
C ASP B 77 -10.06 -14.79 -17.16
N THR B 78 -10.01 -16.10 -17.50
CA THR B 78 -8.78 -16.93 -17.62
C THR B 78 -7.93 -16.89 -16.32
N VAL B 79 -8.55 -17.27 -15.22
CA VAL B 79 -7.86 -17.29 -13.92
C VAL B 79 -7.07 -18.61 -13.69
N GLU B 80 -7.34 -19.69 -14.46
CA GLU B 80 -6.81 -21.05 -14.16
C GLU B 80 -5.28 -21.19 -14.15
N HIS B 81 -4.53 -20.54 -15.04
CA HIS B 81 -3.06 -20.71 -15.06
C HIS B 81 -2.41 -20.02 -13.88
N LEU B 82 -2.85 -18.80 -13.56
CA LEU B 82 -2.37 -18.10 -12.37
C LEU B 82 -2.75 -18.89 -11.09
N LEU B 83 -4.00 -19.38 -10.98
CA LEU B 83 -4.42 -20.16 -9.79
C LEU B 83 -3.65 -21.48 -9.71
N SER B 84 -3.28 -22.07 -10.86
CA SER B 84 -2.48 -23.31 -10.88
C SER B 84 -1.08 -23.03 -10.26
N ALA B 85 -0.49 -21.87 -10.58
CA ALA B 85 0.83 -21.45 -10.03
C ALA B 85 0.74 -21.25 -8.51
N MET B 86 -0.34 -20.60 -8.05
CA MET B 86 -0.60 -20.34 -6.63
CA MET B 86 -0.55 -20.35 -6.62
C MET B 86 -0.74 -21.65 -5.85
N ALA B 87 -1.51 -22.62 -6.41
CA ALA B 87 -1.74 -23.92 -5.80
C ALA B 87 -0.45 -24.72 -5.73
N GLY B 88 0.31 -24.71 -6.82
CA GLY B 88 1.57 -25.43 -6.92
C GLY B 88 2.64 -24.94 -5.94
N LEU B 89 2.58 -23.65 -5.58
CA LEU B 89 3.54 -23.06 -4.64
C LEU B 89 2.99 -22.92 -3.23
N GLY B 90 1.74 -23.37 -3.02
CA GLY B 90 1.07 -23.35 -1.72
C GLY B 90 0.66 -21.99 -1.18
N ILE B 91 0.41 -21.00 -2.06
CA ILE B 91 -0.01 -19.66 -1.62
C ILE B 91 -1.45 -19.75 -1.16
N ASP B 92 -1.73 -19.41 0.10
CA ASP B 92 -3.10 -19.44 0.60
C ASP B 92 -3.79 -18.08 0.42
N ASN B 93 -3.08 -16.98 0.69
CA ASN B 93 -3.67 -15.65 0.77
C ASN B 93 -2.98 -14.67 -0.13
N ALA B 94 -3.75 -13.93 -0.95
CA ALA B 94 -3.18 -12.96 -1.91
C ALA B 94 -4.24 -12.13 -2.57
N TYR B 95 -3.85 -10.91 -2.90
CA TYR B 95 -4.66 -9.99 -3.68
C TYR B 95 -4.12 -9.96 -5.07
N VAL B 96 -4.99 -10.23 -6.01
CA VAL B 96 -4.59 -10.21 -7.42
C VAL B 96 -5.25 -9.00 -8.06
N GLU B 97 -4.47 -7.94 -8.26
CA GLU B 97 -5.00 -6.73 -8.87
C GLU B 97 -4.83 -6.76 -10.40
N LEU B 98 -5.91 -6.45 -11.12
CA LEU B 98 -5.89 -6.43 -12.58
C LEU B 98 -6.43 -5.10 -13.10
N SER B 99 -5.84 -4.58 -14.18
CA SER B 99 -6.31 -3.33 -14.78
C SER B 99 -7.32 -3.60 -15.93
N ALA B 100 -7.65 -4.86 -16.19
CA ALA B 100 -8.58 -5.26 -17.26
C ALA B 100 -9.30 -6.57 -16.87
N SER B 101 -10.31 -6.98 -17.65
CA SER B 101 -11.17 -8.14 -17.37
C SER B 101 -10.51 -9.52 -17.55
N GLU B 102 -9.21 -9.58 -17.86
CA GLU B 102 -8.60 -10.88 -18.13
C GLU B 102 -7.18 -10.91 -17.64
N VAL B 103 -6.80 -12.04 -17.02
CA VAL B 103 -5.44 -12.33 -16.57
C VAL B 103 -4.55 -12.43 -17.83
N PRO B 104 -3.34 -11.81 -17.83
CA PRO B 104 -2.48 -11.93 -19.02
C PRO B 104 -2.09 -13.40 -19.25
N ILE B 105 -2.05 -13.82 -20.53
CA ILE B 105 -1.71 -15.19 -20.89
C ILE B 105 -0.19 -15.51 -20.73
N MET B 106 0.68 -14.49 -20.71
CA MET B 106 2.15 -14.65 -20.58
C MET B 106 2.63 -15.56 -21.73
N ASP B 107 3.28 -16.70 -21.41
CA ASP B 107 3.76 -17.62 -22.46
C ASP B 107 2.79 -18.81 -22.66
N GLY B 108 1.61 -18.73 -22.05
CA GLY B 108 0.61 -19.79 -22.16
C GLY B 108 0.66 -20.87 -21.10
N SER B 109 1.65 -20.81 -20.20
CA SER B 109 1.81 -21.80 -19.14
C SER B 109 1.73 -21.15 -17.76
N ALA B 110 2.13 -21.87 -16.69
CA ALA B 110 2.18 -21.25 -15.35
C ALA B 110 3.65 -20.86 -14.99
N GLY B 111 4.61 -21.20 -15.85
CA GLY B 111 6.04 -20.90 -15.67
C GLY B 111 6.35 -19.45 -15.32
N PRO B 112 5.90 -18.46 -16.14
CA PRO B 112 6.18 -17.04 -15.80
C PRO B 112 5.59 -16.65 -14.44
N PHE B 113 4.39 -17.17 -14.07
CA PHE B 113 3.81 -16.90 -12.77
C PHE B 113 4.60 -17.55 -11.64
N VAL B 114 4.99 -18.85 -11.77
CA VAL B 114 5.74 -19.49 -10.67
C VAL B 114 7.09 -18.73 -10.48
N PHE B 115 7.69 -18.25 -11.58
CA PHE B 115 8.97 -17.51 -11.49
C PHE B 115 8.77 -16.14 -10.80
N LEU B 116 7.74 -15.39 -11.19
CA LEU B 116 7.47 -14.10 -10.56
C LEU B 116 7.16 -14.24 -9.05
N ILE B 117 6.46 -15.28 -8.65
CA ILE B 117 6.12 -15.48 -7.24
C ILE B 117 7.38 -15.83 -6.45
N GLN B 118 8.15 -16.83 -6.92
CA GLN B 118 9.38 -17.25 -6.24
C GLN B 118 10.43 -16.14 -6.23
N SER B 119 10.39 -15.24 -7.23
CA SER B 119 11.32 -14.09 -7.25
C SER B 119 11.03 -13.18 -6.05
N ALA B 120 9.74 -12.94 -5.78
CA ALA B 120 9.28 -12.13 -4.66
C ALA B 120 9.46 -12.87 -3.36
N GLY B 121 9.31 -14.19 -3.39
CA GLY B 121 9.44 -15.04 -2.22
C GLY B 121 8.13 -15.21 -1.49
N LEU B 122 8.05 -16.31 -0.74
CA LEU B 122 6.89 -16.65 0.07
C LEU B 122 7.11 -16.26 1.49
N GLN B 123 6.03 -15.95 2.20
CA GLN B 123 6.04 -15.58 3.61
C GLN B 123 5.06 -16.48 4.35
N GLU B 124 5.57 -17.29 5.28
CA GLU B 124 4.78 -18.14 6.16
C GLU B 124 4.05 -17.23 7.15
N GLN B 125 2.79 -17.53 7.44
CA GLN B 125 2.00 -16.69 8.34
C GLN B 125 1.69 -17.48 9.59
N GLU B 126 1.32 -16.80 10.68
CA GLU B 126 1.11 -17.41 11.99
C GLU B 126 -0.29 -18.01 12.17
N ALA B 127 -0.63 -18.99 11.31
CA ALA B 127 -1.89 -19.72 11.36
C ALA B 127 -1.77 -21.00 10.56
N ALA B 128 -2.35 -22.10 11.07
CA ALA B 128 -2.32 -23.40 10.40
C ALA B 128 -2.97 -23.32 9.04
N LYS B 129 -2.34 -23.99 8.08
CA LYS B 129 -2.83 -24.12 6.71
C LYS B 129 -3.98 -25.12 6.77
N LYS B 130 -5.14 -24.77 6.19
CA LYS B 130 -6.30 -25.64 6.17
C LYS B 130 -6.38 -26.41 4.87
N PHE B 131 -6.54 -27.73 4.94
CA PHE B 131 -6.66 -28.62 3.78
C PHE B 131 -8.02 -29.23 3.71
N ILE B 132 -8.48 -29.56 2.51
CA ILE B 132 -9.73 -30.28 2.34
C ILE B 132 -9.36 -31.71 2.01
N ARG B 133 -9.70 -32.64 2.89
CA ARG B 133 -9.37 -34.04 2.68
CA ARG B 133 -9.37 -34.04 2.68
C ARG B 133 -10.59 -34.78 2.11
N ILE B 134 -10.42 -35.43 0.92
CA ILE B 134 -11.51 -36.22 0.32
C ILE B 134 -11.72 -37.47 1.21
N LYS B 135 -12.95 -37.70 1.70
CA LYS B 135 -13.30 -38.87 2.53
C LYS B 135 -14.01 -39.95 1.74
N ARG B 136 -14.78 -39.54 0.73
CA ARG B 136 -15.57 -40.44 -0.10
C ARG B 136 -15.44 -40.05 -1.55
N GLU B 137 -15.66 -40.98 -2.45
CA GLU B 137 -15.59 -40.67 -3.87
C GLU B 137 -16.71 -39.78 -4.30
N VAL B 138 -16.39 -38.86 -5.19
CA VAL B 138 -17.36 -37.95 -5.79
C VAL B 138 -17.02 -37.92 -7.26
N SER B 139 -18.01 -38.19 -8.11
CA SER B 139 -17.83 -38.14 -9.56
C SER B 139 -18.95 -37.34 -10.21
N VAL B 140 -18.63 -36.75 -11.36
CA VAL B 140 -19.58 -36.05 -12.22
C VAL B 140 -19.27 -36.51 -13.64
N GLU B 141 -20.32 -36.65 -14.46
CA GLU B 141 -20.15 -37.02 -15.87
C GLU B 141 -21.11 -36.22 -16.73
N GLU B 142 -20.77 -36.07 -18.02
CA GLU B 142 -21.66 -35.52 -19.01
C GLU B 142 -21.20 -36.08 -20.35
N GLY B 143 -22.02 -36.96 -20.93
CA GLY B 143 -21.66 -37.66 -22.15
C GLY B 143 -20.47 -38.55 -21.87
N ASP B 144 -19.40 -38.45 -22.66
CA ASP B 144 -18.24 -39.30 -22.38
C ASP B 144 -17.16 -38.57 -21.53
N LYS B 145 -17.43 -37.36 -21.03
CA LYS B 145 -16.49 -36.63 -20.15
C LYS B 145 -16.73 -37.05 -18.70
N ARG B 146 -15.66 -37.21 -17.92
CA ARG B 146 -15.81 -37.64 -16.53
C ARG B 146 -14.77 -36.97 -15.65
N ALA B 147 -15.15 -36.60 -14.41
CA ALA B 147 -14.22 -36.01 -13.45
C ALA B 147 -14.51 -36.63 -12.10
N VAL B 148 -13.46 -37.08 -11.38
CA VAL B 148 -13.63 -37.83 -10.13
CA VAL B 148 -13.69 -37.77 -10.11
C VAL B 148 -12.65 -37.38 -9.06
N PHE B 149 -13.10 -37.33 -7.81
CA PHE B 149 -12.34 -37.13 -6.59
C PHE B 149 -12.30 -38.49 -5.92
N VAL B 150 -11.10 -39.00 -5.63
CA VAL B 150 -10.94 -40.30 -4.95
C VAL B 150 -10.15 -40.06 -3.64
N PRO B 151 -10.52 -40.66 -2.48
CA PRO B 151 -9.68 -40.52 -1.27
C PRO B 151 -8.28 -41.04 -1.58
N PHE B 152 -7.26 -40.32 -1.13
CA PHE B 152 -5.85 -40.59 -1.39
C PHE B 152 -5.00 -39.83 -0.40
N ASP B 153 -4.04 -40.49 0.27
CA ASP B 153 -3.18 -39.86 1.27
C ASP B 153 -2.02 -39.09 0.61
N GLY B 154 -2.32 -37.91 0.08
CA GLY B 154 -1.37 -37.02 -0.61
C GLY B 154 -2.13 -36.20 -1.62
N PHE B 155 -1.49 -35.84 -2.73
CA PHE B 155 -2.18 -35.11 -3.79
C PHE B 155 -1.71 -35.63 -5.15
N LYS B 156 -2.66 -36.17 -5.94
CA LYS B 156 -2.37 -36.81 -7.22
C LYS B 156 -3.40 -36.41 -8.26
N VAL B 157 -2.94 -36.14 -9.50
CA VAL B 157 -3.80 -35.73 -10.62
C VAL B 157 -3.54 -36.64 -11.80
N SER B 158 -4.61 -37.31 -12.27
CA SER B 158 -4.55 -38.18 -13.45
CA SER B 158 -4.58 -38.20 -13.44
C SER B 158 -5.40 -37.57 -14.54
N PHE B 159 -4.89 -37.57 -15.77
CA PHE B 159 -5.69 -36.98 -16.83
C PHE B 159 -5.52 -37.75 -18.12
N GLU B 160 -6.60 -37.86 -18.89
CA GLU B 160 -6.56 -38.50 -20.21
C GLU B 160 -7.34 -37.67 -21.22
N ILE B 161 -6.70 -37.43 -22.40
CA ILE B 161 -7.29 -36.70 -23.51
C ILE B 161 -7.54 -37.68 -24.64
N ASP B 162 -8.36 -37.30 -25.61
CA ASP B 162 -8.71 -38.26 -26.65
C ASP B 162 -8.87 -37.54 -27.96
N PHE B 163 -7.73 -37.32 -28.65
CA PHE B 163 -7.73 -36.67 -29.95
C PHE B 163 -7.35 -37.70 -31.02
N ASP B 164 -8.18 -37.84 -32.07
CA ASP B 164 -7.93 -38.76 -33.18
C ASP B 164 -7.20 -37.91 -34.22
N HIS B 165 -5.90 -37.73 -33.99
CA HIS B 165 -5.02 -36.83 -34.71
C HIS B 165 -3.59 -37.44 -34.78
N PRO B 166 -2.81 -37.28 -35.89
CA PRO B 166 -1.48 -37.94 -35.97
C PRO B 166 -0.44 -37.50 -34.94
N VAL B 167 -0.62 -36.35 -34.32
CA VAL B 167 0.30 -35.84 -33.29
C VAL B 167 -0.05 -36.44 -31.91
N PHE B 168 -1.24 -37.06 -31.77
CA PHE B 168 -1.74 -37.51 -30.47
C PHE B 168 -1.88 -39.02 -30.34
N ARG B 169 -0.81 -39.73 -30.65
CA ARG B 169 -0.77 -41.19 -30.57
C ARG B 169 0.10 -41.62 -29.38
N GLY B 170 -0.01 -42.89 -29.00
CA GLY B 170 0.79 -43.45 -27.91
C GLY B 170 0.34 -43.10 -26.51
N ARG B 171 1.25 -43.31 -25.53
CA ARG B 171 1.06 -43.12 -24.09
C ARG B 171 1.11 -41.64 -23.69
N THR B 172 1.35 -40.74 -24.65
CA THR B 172 1.42 -39.30 -24.38
C THR B 172 0.01 -38.69 -24.15
N GLN B 173 -1.10 -39.48 -24.37
CA GLN B 173 -2.48 -38.99 -24.20
CA GLN B 173 -2.49 -39.03 -24.20
C GLN B 173 -2.99 -39.15 -22.76
N GLN B 174 -2.20 -39.81 -21.89
CA GLN B 174 -2.56 -39.99 -20.47
C GLN B 174 -1.33 -39.70 -19.60
N ALA B 175 -1.57 -39.11 -18.43
CA ALA B 175 -0.50 -38.83 -17.48
C ALA B 175 -1.04 -38.78 -16.08
N SER B 176 -0.23 -39.24 -15.13
CA SER B 176 -0.50 -39.22 -13.70
C SER B 176 0.66 -38.52 -13.01
N VAL B 177 0.37 -37.52 -12.18
CA VAL B 177 1.40 -36.83 -11.43
C VAL B 177 1.05 -36.97 -9.93
N ASP B 178 1.93 -37.63 -9.16
CA ASP B 178 1.84 -37.78 -7.72
C ASP B 178 2.82 -36.76 -7.13
N PHE B 179 2.29 -35.71 -6.51
CA PHE B 179 3.10 -34.60 -6.01
C PHE B 179 3.98 -34.95 -4.78
N SER B 180 3.98 -36.20 -4.30
CA SER B 180 4.91 -36.60 -3.24
C SER B 180 6.31 -36.81 -3.85
N SER B 181 6.35 -37.30 -5.09
CA SER B 181 7.59 -37.62 -5.81
C SER B 181 7.88 -36.69 -7.00
N THR B 182 6.86 -35.99 -7.52
CA THR B 182 7.02 -35.12 -8.70
C THR B 182 6.82 -33.64 -8.35
N SER B 183 7.68 -32.78 -8.91
CA SER B 183 7.62 -31.33 -8.69
C SER B 183 6.63 -30.67 -9.67
N PHE B 184 5.66 -29.87 -9.15
CA PHE B 184 4.76 -29.06 -9.97
C PHE B 184 5.60 -28.16 -10.90
N VAL B 185 6.59 -27.47 -10.30
CA VAL B 185 7.45 -26.53 -11.04
C VAL B 185 8.15 -27.22 -12.22
N LYS B 186 8.82 -28.35 -11.98
CA LYS B 186 9.61 -29.02 -13.01
C LYS B 186 8.81 -29.76 -14.06
N GLU B 187 7.80 -30.52 -13.64
CA GLU B 187 7.09 -31.38 -14.57
C GLU B 187 5.75 -30.86 -15.10
N VAL B 188 5.16 -29.79 -14.51
CA VAL B 188 3.85 -29.34 -14.96
C VAL B 188 3.84 -27.85 -15.38
N SER B 189 4.47 -26.96 -14.58
CA SER B 189 4.33 -25.51 -14.71
C SER B 189 4.64 -24.95 -16.09
N ARG B 190 5.58 -25.53 -16.84
CA ARG B 190 5.99 -25.05 -18.16
C ARG B 190 5.05 -25.53 -19.29
N ALA B 191 4.03 -26.39 -19.01
CA ALA B 191 3.14 -26.88 -20.07
C ALA B 191 2.21 -25.76 -20.58
N ARG B 192 2.28 -25.49 -21.89
CA ARG B 192 1.53 -24.38 -22.51
C ARG B 192 0.15 -24.80 -22.97
N THR B 193 -0.71 -23.81 -23.11
CA THR B 193 -2.05 -23.97 -23.64
C THR B 193 -1.91 -24.30 -25.14
N PHE B 194 -2.97 -24.82 -25.72
CA PHE B 194 -2.89 -25.25 -27.11
C PHE B 194 -4.21 -25.07 -27.83
N GLY B 195 -4.13 -24.97 -29.16
CA GLY B 195 -5.31 -24.86 -30.00
C GLY B 195 -5.10 -25.52 -31.33
N PHE B 196 -6.17 -26.02 -31.93
CA PHE B 196 -6.07 -26.61 -33.28
C PHE B 196 -6.41 -25.53 -34.28
N MET B 197 -5.69 -25.51 -35.41
CA MET B 197 -5.84 -24.52 -36.47
C MET B 197 -7.30 -24.35 -36.95
N ARG B 198 -8.08 -25.45 -37.15
CA ARG B 198 -9.48 -25.38 -37.60
CA ARG B 198 -9.47 -25.33 -37.62
C ARG B 198 -10.36 -24.59 -36.59
N ASP B 199 -10.16 -24.84 -35.29
CA ASP B 199 -10.92 -24.15 -34.21
C ASP B 199 -10.48 -22.70 -34.12
N ILE B 200 -9.17 -22.44 -34.31
CA ILE B 200 -8.58 -21.10 -34.25
C ILE B 200 -9.14 -20.27 -35.40
N GLU B 201 -9.22 -20.86 -36.60
CA GLU B 201 -9.80 -20.15 -37.74
C GLU B 201 -11.27 -19.79 -37.45
N TYR B 202 -12.03 -20.73 -36.84
CA TYR B 202 -13.43 -20.42 -36.50
C TYR B 202 -13.48 -19.27 -35.49
N LEU B 203 -12.64 -19.35 -34.44
CA LEU B 203 -12.61 -18.31 -33.42
C LEU B 203 -12.32 -16.94 -34.02
N ARG B 204 -11.31 -16.87 -34.92
CA ARG B 204 -10.90 -15.62 -35.54
CA ARG B 204 -10.92 -15.63 -35.54
C ARG B 204 -12.01 -15.07 -36.44
N SER B 205 -12.75 -15.96 -37.14
CA SER B 205 -13.85 -15.54 -38.00
C SER B 205 -14.95 -14.81 -37.19
N GLN B 206 -15.02 -15.07 -35.88
CA GLN B 206 -16.00 -14.52 -34.93
C GLN B 206 -15.39 -13.40 -34.06
N ASN B 207 -14.14 -12.98 -34.35
CA ASN B 207 -13.39 -11.97 -33.62
C ASN B 207 -13.14 -12.42 -32.16
N LEU B 208 -12.84 -13.71 -31.97
CA LEU B 208 -12.57 -14.30 -30.65
C LEU B 208 -11.09 -14.68 -30.50
N ALA B 209 -10.66 -14.97 -29.26
CA ALA B 209 -9.27 -15.34 -28.90
C ALA B 209 -8.25 -14.37 -29.57
N LEU B 210 -8.50 -13.07 -29.39
CA LEU B 210 -7.75 -11.98 -30.05
C LEU B 210 -6.25 -11.87 -29.63
N GLY B 211 -5.89 -12.40 -28.46
CA GLY B 211 -4.51 -12.30 -27.97
C GLY B 211 -3.63 -13.50 -28.23
N GLY B 212 -4.20 -14.55 -28.84
CA GLY B 212 -3.48 -15.78 -29.12
C GLY B 212 -2.54 -15.73 -30.31
N SER B 213 -1.38 -16.38 -30.17
CA SER B 213 -0.33 -16.53 -31.20
C SER B 213 0.58 -17.70 -30.80
N VAL B 214 1.55 -18.03 -31.67
CA VAL B 214 2.54 -19.09 -31.40
C VAL B 214 3.44 -18.69 -30.22
N GLU B 215 3.45 -17.41 -29.80
CA GLU B 215 4.24 -16.95 -28.64
C GLU B 215 3.57 -17.28 -27.29
N ASN B 216 2.27 -17.61 -27.29
CA ASN B 216 1.64 -17.92 -26.00
C ASN B 216 0.80 -19.18 -26.04
N ALA B 217 1.00 -20.02 -27.08
CA ALA B 217 0.23 -21.26 -27.24
C ALA B 217 0.86 -22.20 -28.24
N ILE B 218 0.64 -23.51 -28.05
CA ILE B 218 1.05 -24.50 -29.05
C ILE B 218 -0.04 -24.47 -30.12
N VAL B 219 0.33 -24.28 -31.39
CA VAL B 219 -0.66 -24.27 -32.47
C VAL B 219 -0.46 -25.54 -33.29
N VAL B 220 -1.51 -26.35 -33.42
CA VAL B 220 -1.45 -27.61 -34.12
C VAL B 220 -2.39 -27.59 -35.33
N ASP B 221 -1.90 -27.92 -36.53
CA ASP B 221 -2.81 -27.98 -37.68
C ASP B 221 -3.34 -29.44 -37.79
N GLU B 222 -3.70 -29.95 -38.98
CA GLU B 222 -4.23 -31.32 -39.04
C GLU B 222 -3.15 -32.42 -38.93
N ASN B 223 -1.86 -32.06 -39.07
CA ASN B 223 -0.78 -33.05 -39.07
C ASN B 223 0.40 -32.75 -38.16
N ARG B 224 0.59 -31.48 -37.75
CA ARG B 224 1.79 -31.13 -36.98
C ARG B 224 1.65 -29.93 -36.08
N VAL B 225 2.65 -29.76 -35.21
CA VAL B 225 2.83 -28.59 -34.36
C VAL B 225 3.45 -27.52 -35.24
N LEU B 226 2.82 -26.33 -35.33
CA LEU B 226 3.36 -25.27 -36.19
C LEU B 226 4.51 -24.51 -35.51
N ASN B 227 4.51 -24.39 -34.16
CA ASN B 227 5.60 -23.69 -33.44
C ASN B 227 6.97 -24.21 -33.88
N GLU B 228 7.78 -23.32 -34.44
CA GLU B 228 9.14 -23.56 -34.93
C GLU B 228 10.01 -24.32 -33.91
N ASP B 229 9.98 -23.88 -32.63
CA ASP B 229 10.80 -24.40 -31.54
C ASP B 229 10.30 -25.73 -30.89
N GLY B 230 9.13 -26.24 -31.27
CA GLY B 230 8.65 -27.52 -30.74
C GLY B 230 8.05 -27.51 -29.34
N LEU B 231 8.07 -28.67 -28.69
CA LEU B 231 7.43 -28.86 -27.37
C LEU B 231 8.41 -28.84 -26.23
N ARG B 232 7.91 -28.48 -25.06
CA ARG B 232 8.69 -28.43 -23.80
C ARG B 232 8.69 -29.79 -23.09
N TYR B 233 7.70 -30.62 -23.41
CA TYR B 233 7.53 -31.96 -22.86
C TYR B 233 7.01 -32.86 -23.94
N GLU B 234 7.36 -34.14 -23.91
CA GLU B 234 6.83 -35.10 -24.89
C GLU B 234 5.28 -35.14 -24.79
N ASP B 235 4.75 -35.01 -23.58
CA ASP B 235 3.32 -35.03 -23.34
C ASP B 235 2.81 -33.65 -22.87
N GLU B 236 3.31 -32.57 -23.52
CA GLU B 236 2.93 -31.21 -23.11
C GLU B 236 1.40 -30.94 -23.08
N PHE B 237 0.65 -31.49 -24.03
CA PHE B 237 -0.80 -31.25 -24.10
C PHE B 237 -1.53 -31.79 -22.89
N VAL B 238 -1.27 -33.08 -22.49
CA VAL B 238 -1.97 -33.68 -21.34
C VAL B 238 -1.45 -33.00 -20.06
N LYS B 239 -0.16 -32.60 -20.02
CA LYS B 239 0.39 -31.90 -18.85
C LYS B 239 -0.28 -30.53 -18.69
N HIS B 240 -0.67 -29.87 -19.80
CA HIS B 240 -1.40 -28.59 -19.67
C HIS B 240 -2.81 -28.79 -19.08
N LYS B 241 -3.50 -29.87 -19.47
CA LYS B 241 -4.82 -30.19 -18.91
C LYS B 241 -4.73 -30.43 -17.40
N ILE B 242 -3.61 -31.06 -16.94
CA ILE B 242 -3.30 -31.30 -15.52
C ILE B 242 -3.11 -29.96 -14.85
N LEU B 243 -2.36 -29.06 -15.50
CA LEU B 243 -2.13 -27.72 -14.99
C LEU B 243 -3.50 -27.02 -14.84
N ASP B 244 -4.35 -27.08 -15.89
CA ASP B 244 -5.69 -26.45 -15.87
C ASP B 244 -6.54 -26.98 -14.72
N ALA B 245 -6.50 -28.31 -14.52
CA ALA B 245 -7.29 -28.99 -13.46
C ALA B 245 -6.84 -28.50 -12.09
N ILE B 246 -5.55 -28.39 -11.87
CA ILE B 246 -4.98 -27.90 -10.59
C ILE B 246 -5.48 -26.48 -10.29
N GLY B 247 -5.47 -25.60 -11.31
CA GLY B 247 -5.96 -24.23 -11.18
C GLY B 247 -7.44 -24.20 -10.86
N ASP B 248 -8.26 -24.95 -11.64
CA ASP B 248 -9.71 -25.03 -11.42
C ASP B 248 -10.03 -25.62 -10.06
N LEU B 249 -9.26 -26.65 -9.60
CA LEU B 249 -9.50 -27.27 -8.31
C LEU B 249 -9.18 -26.29 -7.16
N TYR B 250 -8.27 -25.34 -7.40
CA TYR B 250 -7.91 -24.38 -6.37
C TYR B 250 -9.03 -23.39 -6.01
N LEU B 251 -10.08 -23.32 -6.83
CA LEU B 251 -11.29 -22.56 -6.55
C LEU B 251 -12.08 -23.17 -5.37
N LEU B 252 -11.59 -24.31 -4.83
CA LEU B 252 -12.14 -24.84 -3.60
C LEU B 252 -11.81 -23.87 -2.43
N GLY B 253 -10.72 -23.11 -2.58
CA GLY B 253 -10.27 -22.12 -1.58
C GLY B 253 -9.30 -22.67 -0.56
N ASN B 254 -8.92 -23.96 -0.72
CA ASN B 254 -7.97 -24.67 0.14
C ASN B 254 -7.31 -25.79 -0.63
N SER B 255 -6.05 -26.13 -0.26
CA SER B 255 -5.37 -27.27 -0.87
C SER B 255 -6.11 -28.57 -0.58
N LEU B 256 -6.06 -29.49 -1.53
CA LEU B 256 -6.72 -30.79 -1.42
C LEU B 256 -5.79 -31.90 -0.95
N ILE B 257 -6.35 -32.85 -0.21
CA ILE B 257 -5.73 -34.10 0.17
C ILE B 257 -6.65 -35.13 -0.49
N GLY B 258 -6.22 -35.61 -1.64
CA GLY B 258 -7.00 -36.56 -2.39
C GLY B 258 -6.49 -36.68 -3.79
N GLU B 259 -7.25 -37.38 -4.61
CA GLU B 259 -6.86 -37.62 -5.98
C GLU B 259 -7.92 -37.18 -6.95
N PHE B 260 -7.49 -36.54 -8.03
CA PHE B 260 -8.37 -36.14 -9.14
C PHE B 260 -8.08 -37.00 -10.32
N ARG B 261 -9.10 -37.54 -10.94
CA ARG B 261 -8.96 -38.24 -12.22
C ARG B 261 -9.84 -37.55 -13.24
N GLY B 262 -9.28 -37.19 -14.37
CA GLY B 262 -10.09 -36.53 -15.38
C GLY B 262 -10.02 -37.26 -16.71
N PHE B 263 -11.18 -37.41 -17.36
CA PHE B 263 -11.24 -37.99 -18.70
C PHE B 263 -12.00 -37.01 -19.59
N LYS B 264 -11.27 -36.34 -20.53
CA LYS B 264 -11.80 -35.35 -21.47
C LYS B 264 -12.51 -34.19 -20.73
N SER B 265 -12.14 -33.98 -19.46
CA SER B 265 -12.75 -32.99 -18.59
C SER B 265 -12.25 -31.59 -18.96
N GLY B 266 -13.12 -30.59 -18.87
CA GLY B 266 -12.76 -29.21 -19.14
C GLY B 266 -13.13 -28.37 -17.94
N HIS B 267 -13.04 -27.03 -18.07
CA HIS B 267 -13.36 -26.08 -16.98
C HIS B 267 -14.79 -26.24 -16.45
N ALA B 268 -15.76 -26.53 -17.33
CA ALA B 268 -17.17 -26.67 -16.91
C ALA B 268 -17.35 -27.87 -16.00
N LEU B 269 -16.91 -29.06 -16.44
CA LEU B 269 -17.07 -30.27 -15.62
C LEU B 269 -16.19 -30.18 -14.36
N ASN B 270 -15.01 -29.55 -14.45
CA ASN B 270 -14.16 -29.35 -13.27
C ASN B 270 -14.93 -28.52 -12.24
N ASN B 271 -15.62 -27.44 -12.69
CA ASN B 271 -16.40 -26.64 -11.76
C ASN B 271 -17.62 -27.41 -11.22
N GLN B 272 -18.28 -28.26 -12.08
CA GLN B 272 -19.42 -29.11 -11.66
C GLN B 272 -18.96 -30.10 -10.59
N LEU B 273 -17.74 -30.67 -10.76
CA LEU B 273 -17.20 -31.58 -9.74
C LEU B 273 -17.04 -30.87 -8.37
N LEU B 274 -16.44 -29.65 -8.35
CA LEU B 274 -16.26 -28.88 -7.11
C LEU B 274 -17.59 -28.58 -6.42
N ARG B 275 -18.59 -28.19 -7.23
CA ARG B 275 -19.92 -27.82 -6.79
C ARG B 275 -20.61 -29.04 -6.17
N THR B 276 -20.38 -30.24 -6.74
CA THR B 276 -20.93 -31.49 -6.22
C THR B 276 -20.21 -31.86 -4.92
N LEU B 277 -18.89 -31.69 -4.86
CA LEU B 277 -18.10 -32.00 -3.67
C LEU B 277 -18.53 -31.14 -2.49
N ILE B 278 -18.57 -29.80 -2.71
CA ILE B 278 -18.96 -28.83 -1.67
C ILE B 278 -20.35 -29.18 -1.14
N ALA B 279 -21.30 -29.47 -2.05
CA ALA B 279 -22.68 -29.84 -1.63
C ALA B 279 -22.71 -31.14 -0.81
N ASP B 280 -21.80 -32.10 -1.11
CA ASP B 280 -21.79 -33.39 -0.39
C ASP B 280 -20.80 -33.32 0.79
N LYS B 281 -21.26 -32.75 1.94
CA LYS B 281 -20.41 -32.50 3.11
C LYS B 281 -19.91 -33.78 3.80
N ASP B 282 -20.52 -34.92 3.53
CA ASP B 282 -20.04 -36.18 4.09
C ASP B 282 -18.84 -36.71 3.29
N ALA B 283 -18.53 -36.13 2.12
CA ALA B 283 -17.42 -36.62 1.31
C ALA B 283 -16.09 -35.89 1.61
N TRP B 284 -16.11 -34.86 2.49
CA TRP B 284 -14.88 -34.11 2.80
C TRP B 284 -14.87 -33.55 4.20
N GLU B 285 -13.68 -33.14 4.65
CA GLU B 285 -13.46 -32.56 5.99
C GLU B 285 -12.25 -31.62 5.94
N VAL B 286 -12.22 -30.64 6.84
CA VAL B 286 -11.12 -29.70 6.91
C VAL B 286 -10.10 -30.27 7.90
N VAL B 287 -8.84 -30.30 7.52
CA VAL B 287 -7.79 -30.81 8.40
C VAL B 287 -6.61 -29.84 8.44
N THR B 288 -5.84 -29.87 9.55
CA THR B 288 -4.62 -29.08 9.72
C THR B 288 -3.51 -30.02 10.19
N PHE B 289 -2.25 -29.61 10.05
CA PHE B 289 -1.11 -30.43 10.46
C PHE B 289 -0.24 -29.63 11.41
N GLU B 290 -0.31 -30.00 12.70
CA GLU B 290 0.46 -29.36 13.77
C GLU B 290 1.91 -29.87 13.74
N ASP B 291 2.11 -31.05 13.14
CA ASP B 291 3.41 -31.65 12.94
C ASP B 291 3.57 -31.92 11.45
N ALA B 292 4.37 -31.08 10.75
CA ALA B 292 4.62 -31.21 9.32
C ALA B 292 5.21 -32.59 8.94
N ARG B 293 5.99 -33.23 9.84
CA ARG B 293 6.62 -34.56 9.68
C ARG B 293 5.66 -35.65 9.20
N THR B 294 4.43 -35.64 9.76
CA THR B 294 3.40 -36.66 9.52
C THR B 294 2.36 -36.26 8.43
N ALA B 295 2.50 -35.06 7.83
CA ALA B 295 1.59 -34.58 6.80
C ALA B 295 1.80 -35.36 5.48
N PRO B 296 0.73 -35.63 4.68
CA PRO B 296 0.93 -36.39 3.42
C PRO B 296 1.30 -35.51 2.22
N ILE B 297 1.28 -34.18 2.40
CA ILE B 297 1.62 -33.20 1.38
C ILE B 297 2.72 -32.30 1.93
N SER B 298 3.73 -32.06 1.10
CA SER B 298 4.88 -31.24 1.43
C SER B 298 5.03 -30.13 0.41
N TYR B 299 5.24 -28.93 0.93
CA TYR B 299 5.47 -27.77 0.08
C TYR B 299 6.93 -27.43 0.11
N MET B 300 7.38 -26.71 -0.91
CA MET B 300 8.77 -26.26 -0.96
C MET B 300 9.00 -25.26 0.12
N ARG B 301 10.22 -25.20 0.64
CA ARG B 301 10.57 -24.22 1.65
C ARG B 301 10.26 -22.79 1.09
N PRO B 302 9.78 -21.83 1.91
CA PRO B 302 9.43 -20.50 1.37
C PRO B 302 10.64 -19.72 0.85
N SER C 1 15.86 6.34 46.13
CA SER C 1 16.96 7.13 46.69
C SER C 1 18.27 6.85 45.93
N ASN C 2 19.38 7.60 46.22
CA ASN C 2 20.67 7.39 45.54
C ASN C 2 21.29 5.98 45.76
N ALA C 3 21.03 5.34 46.92
CA ALA C 3 21.63 4.04 47.26
C ALA C 3 20.81 2.82 46.74
N MET C 4 19.66 3.06 46.08
CA MET C 4 18.81 1.98 45.60
C MET C 4 19.44 1.20 44.44
N ILE C 5 18.92 -0.02 44.17
CA ILE C 5 19.33 -0.74 42.96
C ILE C 5 18.61 -0.03 41.82
N LYS C 6 19.36 0.54 40.88
CA LYS C 6 18.76 1.32 39.81
C LYS C 6 18.52 0.53 38.54
N GLN C 7 17.55 0.97 37.74
CA GLN C 7 17.32 0.45 36.39
C GLN C 7 18.51 0.83 35.56
N ARG C 8 18.79 0.03 34.54
CA ARG C 8 19.94 0.20 33.66
C ARG C 8 19.57 0.13 32.23
N THR C 9 20.26 0.91 31.41
CA THR C 9 20.11 0.87 29.97
C THR C 9 21.54 0.96 29.42
N LEU C 10 21.67 1.08 28.09
CA LEU C 10 22.94 1.26 27.40
C LEU C 10 23.34 2.72 27.43
N LYS C 11 24.63 3.00 27.46
CA LYS C 11 25.15 4.37 27.43
C LYS C 11 25.11 4.91 26.01
N ASN C 12 25.29 4.03 25.03
CA ASN C 12 25.38 4.37 23.62
C ASN C 12 24.73 3.32 22.72
N ILE C 13 24.44 3.70 21.49
CA ILE C 13 23.93 2.81 20.45
C ILE C 13 25.09 1.95 19.96
N ILE C 14 24.85 0.64 19.77
CA ILE C 14 25.88 -0.21 19.22
C ILE C 14 25.23 -1.08 18.13
N ARG C 15 26.04 -1.38 17.13
CA ARG C 15 25.62 -2.07 15.94
C ARG C 15 26.42 -3.30 15.66
N ALA C 16 25.74 -4.37 15.22
CA ALA C 16 26.33 -5.66 14.82
C ALA C 16 25.62 -6.21 13.57
N THR C 17 26.34 -7.01 12.79
CA THR C 17 25.83 -7.66 11.58
C THR C 17 26.01 -9.16 11.77
N GLY C 18 25.05 -9.94 11.31
CA GLY C 18 25.12 -11.39 11.40
C GLY C 18 24.09 -12.07 10.54
N VAL C 19 23.85 -13.37 10.80
CA VAL C 19 22.88 -14.17 10.06
C VAL C 19 21.97 -14.91 11.04
N GLY C 20 20.69 -15.00 10.70
CA GLY C 20 19.71 -15.74 11.51
C GLY C 20 20.03 -17.22 11.45
N LEU C 21 20.25 -17.85 12.61
CA LEU C 21 20.56 -19.30 12.66
C LEU C 21 19.58 -20.13 11.82
N HIS C 22 18.25 -19.93 11.98
CA HIS C 22 17.28 -20.77 11.28
C HIS C 22 16.94 -20.25 9.87
N SER C 23 16.79 -18.92 9.69
CA SER C 23 16.48 -18.32 8.37
C SER C 23 17.68 -18.25 7.41
N GLY C 24 18.89 -18.10 7.97
CA GLY C 24 20.13 -17.94 7.21
C GLY C 24 20.21 -16.58 6.53
N GLU C 25 19.35 -15.64 6.94
CA GLU C 25 19.25 -14.30 6.34
C GLU C 25 20.20 -13.33 6.98
N LYS C 26 20.83 -12.46 6.16
CA LYS C 26 21.68 -11.38 6.67
C LYS C 26 20.83 -10.43 7.53
N VAL C 27 21.33 -10.01 8.70
CA VAL C 27 20.55 -9.13 9.56
C VAL C 27 21.44 -8.08 10.21
N TYR C 28 21.00 -6.81 10.17
CA TYR C 28 21.63 -5.72 10.89
C TYR C 28 20.94 -5.61 12.24
N LEU C 29 21.73 -5.59 13.33
CA LEU C 29 21.25 -5.49 14.70
C LEU C 29 21.68 -4.14 15.28
N THR C 30 20.78 -3.47 15.98
CA THR C 30 21.10 -2.20 16.60
C THR C 30 20.56 -2.24 18.00
N LEU C 31 21.41 -2.01 18.99
CA LEU C 31 20.98 -1.96 20.38
C LEU C 31 21.00 -0.50 20.81
N LYS C 32 19.86 0.03 21.28
CA LYS C 32 19.77 1.43 21.65
C LYS C 32 19.37 1.65 23.08
N PRO C 33 19.84 2.75 23.71
CA PRO C 33 19.34 3.10 25.04
C PRO C 33 17.81 3.26 25.02
N ALA C 34 17.15 3.04 26.14
CA ALA C 34 15.70 3.24 26.19
C ALA C 34 15.30 3.89 27.51
N PRO C 35 14.22 4.72 27.54
CA PRO C 35 13.81 5.35 28.80
C PRO C 35 13.45 4.37 29.92
N VAL C 36 13.36 4.89 31.13
CA VAL C 36 12.93 4.17 32.34
C VAL C 36 11.57 3.46 32.10
N ASP C 37 11.43 2.21 32.59
CA ASP C 37 10.25 1.32 32.55
C ASP C 37 9.79 0.97 31.11
N THR C 38 10.72 0.96 30.15
CA THR C 38 10.42 0.53 28.77
C THR C 38 10.46 -1.01 28.70
N GLY C 39 11.41 -1.61 29.41
CA GLY C 39 11.72 -3.03 29.33
C GLY C 39 12.52 -3.26 28.04
N ILE C 40 12.66 -4.52 27.62
CA ILE C 40 13.35 -4.81 26.35
C ILE C 40 12.30 -4.82 25.26
N VAL C 41 12.53 -4.05 24.19
CA VAL C 41 11.55 -4.01 23.11
C VAL C 41 12.25 -4.32 21.78
N PHE C 42 11.74 -5.32 21.05
CA PHE C 42 12.31 -5.63 19.74
C PHE C 42 11.57 -4.81 18.69
N SER C 43 12.26 -4.33 17.68
CA SER C 43 11.63 -3.57 16.62
C SER C 43 12.07 -4.10 15.27
N ARG C 44 11.13 -4.32 14.36
CA ARG C 44 11.41 -4.71 12.99
C ARG C 44 11.46 -3.40 12.19
N THR C 45 12.68 -2.94 11.84
CA THR C 45 12.88 -1.64 11.16
C THR C 45 12.89 -1.78 9.64
N ASP C 46 12.72 -3.00 9.12
CA ASP C 46 12.61 -3.29 7.68
C ASP C 46 11.15 -3.11 7.20
N LEU C 47 10.21 -2.94 8.15
CA LEU C 47 8.78 -2.82 7.86
C LEU C 47 8.30 -1.38 7.98
N ASP C 48 7.28 -1.00 7.16
CA ASP C 48 6.64 0.32 7.14
C ASP C 48 5.16 0.20 7.59
N PRO C 49 4.76 0.73 8.77
CA PRO C 49 5.59 1.39 9.79
C PRO C 49 6.40 0.37 10.59
N VAL C 50 7.31 0.87 11.44
CA VAL C 50 8.12 0.05 12.31
C VAL C 50 7.15 -0.67 13.28
N VAL C 51 7.37 -1.96 13.55
CA VAL C 51 6.55 -2.71 14.48
C VAL C 51 7.42 -3.11 15.66
N GLU C 52 6.97 -2.72 16.85
CA GLU C 52 7.65 -3.01 18.10
C GLU C 52 7.03 -4.19 18.77
N ILE C 53 7.84 -5.10 19.31
CA ILE C 53 7.31 -6.24 20.07
C ILE C 53 8.01 -6.25 21.42
N PRO C 54 7.32 -5.91 22.53
CA PRO C 54 7.96 -6.03 23.86
C PRO C 54 8.38 -7.47 24.15
N ALA C 55 9.58 -7.67 24.71
CA ALA C 55 10.07 -9.00 25.06
C ALA C 55 9.36 -9.44 26.36
N ARG C 56 8.08 -9.89 26.22
CA ARG C 56 7.21 -10.31 27.30
C ARG C 56 6.64 -11.68 27.01
N ALA C 57 6.41 -12.47 28.08
CA ALA C 57 5.88 -13.84 28.01
C ALA C 57 4.63 -13.95 27.14
N GLU C 58 3.74 -12.94 27.19
CA GLU C 58 2.46 -12.91 26.46
C GLU C 58 2.63 -12.84 24.94
N ASN C 59 3.81 -12.39 24.46
CA ASN C 59 4.10 -12.22 23.05
C ASN C 59 4.88 -13.39 22.45
N VAL C 60 5.11 -14.46 23.22
CA VAL C 60 5.79 -15.63 22.68
C VAL C 60 4.76 -16.35 21.83
N GLY C 61 5.03 -16.43 20.54
CA GLY C 61 4.08 -17.05 19.61
C GLY C 61 4.44 -18.45 19.16
N GLU C 62 5.73 -18.80 19.19
CA GLU C 62 6.25 -20.10 18.74
C GLU C 62 7.49 -20.52 19.54
N THR C 63 7.64 -21.84 19.74
CA THR C 63 8.76 -22.42 20.50
C THR C 63 9.26 -23.71 19.84
N THR C 64 9.39 -23.72 18.49
CA THR C 64 9.77 -24.93 17.76
C THR C 64 11.24 -25.29 18.07
N MET C 65 12.21 -24.45 17.67
CA MET C 65 13.64 -24.70 17.91
C MET C 65 14.28 -23.57 18.72
N SER C 66 13.61 -22.42 18.75
CA SER C 66 14.03 -21.22 19.46
C SER C 66 12.81 -20.54 20.05
N THR C 67 13.00 -19.47 20.80
CA THR C 67 11.87 -18.68 21.31
C THR C 67 11.58 -17.58 20.31
N THR C 68 10.32 -17.50 19.84
CA THR C 68 9.87 -16.50 18.86
C THR C 68 8.83 -15.58 19.46
N LEU C 69 9.00 -14.28 19.24
CA LEU C 69 8.05 -13.23 19.62
C LEU C 69 7.21 -12.94 18.40
N VAL C 70 5.90 -12.78 18.59
CA VAL C 70 4.94 -12.58 17.50
C VAL C 70 3.94 -11.47 17.85
N LYS C 71 3.60 -10.66 16.85
CA LYS C 71 2.60 -9.59 16.84
C LYS C 71 1.96 -9.64 15.45
N GLY C 72 0.81 -10.32 15.33
CA GLY C 72 0.13 -10.54 14.05
C GLY C 72 0.93 -11.52 13.24
N ASP C 73 1.27 -11.19 11.99
CA ASP C 73 2.12 -12.08 11.20
C ASP C 73 3.60 -11.61 11.31
N VAL C 74 3.85 -10.54 12.12
CA VAL C 74 5.21 -10.03 12.35
C VAL C 74 5.88 -10.82 13.49
N LYS C 75 7.03 -11.44 13.20
CA LYS C 75 7.76 -12.21 14.20
C LYS C 75 9.22 -11.77 14.36
N VAL C 76 9.76 -12.10 15.54
CA VAL C 76 11.17 -11.93 15.85
C VAL C 76 11.62 -13.28 16.42
N ASP C 77 12.43 -13.99 15.64
CA ASP C 77 12.92 -15.32 15.97
C ASP C 77 14.23 -15.32 16.74
N THR C 78 14.44 -16.36 17.57
CA THR C 78 15.66 -16.67 18.34
C THR C 78 16.11 -15.48 19.19
N VAL C 79 15.27 -15.13 20.17
CA VAL C 79 15.54 -14.01 21.07
C VAL C 79 16.32 -14.43 22.33
N GLU C 80 16.37 -15.73 22.64
CA GLU C 80 16.92 -16.26 23.88
C GLU C 80 18.40 -15.94 24.18
N HIS C 81 19.31 -15.97 23.19
CA HIS C 81 20.73 -15.72 23.50
C HIS C 81 20.98 -14.25 23.77
N LEU C 82 20.32 -13.36 23.01
CA LEU C 82 20.45 -11.93 23.27
C LEU C 82 19.82 -11.57 24.60
N LEU C 83 18.63 -12.09 24.90
CA LEU C 83 17.99 -11.83 26.19
C LEU C 83 18.80 -12.39 27.35
N SER C 84 19.49 -13.53 27.15
CA SER C 84 20.33 -14.09 28.22
C SER C 84 21.43 -13.09 28.59
N ALA C 85 22.03 -12.47 27.58
CA ALA C 85 23.09 -11.46 27.73
C ALA C 85 22.54 -10.21 28.46
N MET C 86 21.29 -9.79 28.11
CA MET C 86 20.62 -8.63 28.72
C MET C 86 20.34 -8.92 30.20
N ALA C 87 19.86 -10.15 30.49
CA ALA C 87 19.60 -10.59 31.87
C ALA C 87 20.90 -10.69 32.67
N GLY C 88 21.92 -11.29 32.08
CA GLY C 88 23.19 -11.47 32.76
C GLY C 88 23.87 -10.16 33.13
N LEU C 89 23.66 -9.10 32.33
CA LEU C 89 24.31 -7.82 32.61
C LEU C 89 23.38 -6.83 33.31
N GLY C 90 22.17 -7.28 33.64
CA GLY C 90 21.17 -6.47 34.34
C GLY C 90 20.55 -5.34 33.53
N ILE C 91 20.45 -5.48 32.19
CA ILE C 91 19.82 -4.43 31.36
C ILE C 91 18.33 -4.48 31.50
N ASP C 92 17.72 -3.42 32.05
CA ASP C 92 16.28 -3.36 32.15
C ASP C 92 15.65 -2.82 30.90
N ASN C 93 16.24 -1.78 30.30
CA ASN C 93 15.62 -1.02 29.23
C ASN C 93 16.51 -0.91 28.03
N ALA C 94 15.99 -1.32 26.87
CA ALA C 94 16.73 -1.27 25.61
C ALA C 94 15.79 -1.50 24.47
N TYR C 95 16.10 -0.86 23.34
CA TYR C 95 15.46 -1.09 22.06
C TYR C 95 16.39 -1.98 21.28
N VAL C 96 15.83 -3.06 20.74
CA VAL C 96 16.59 -3.99 19.93
C VAL C 96 16.02 -3.90 18.54
N GLU C 97 16.73 -3.25 17.63
CA GLU C 97 16.23 -3.10 16.27
C GLU C 97 16.82 -4.14 15.37
N LEU C 98 16.01 -4.73 14.47
CA LEU C 98 16.43 -5.75 13.51
C LEU C 98 15.94 -5.45 12.13
N SER C 99 16.79 -5.69 11.12
CA SER C 99 16.44 -5.48 9.71
C SER C 99 15.77 -6.73 9.09
N ALA C 100 15.62 -7.81 9.87
CA ALA C 100 15.03 -9.06 9.41
C ALA C 100 14.34 -9.78 10.58
N SER C 101 13.63 -10.89 10.30
CA SER C 101 12.80 -11.60 11.27
C SER C 101 13.59 -12.43 12.32
N GLU C 102 14.93 -12.40 12.34
CA GLU C 102 15.66 -13.22 13.32
C GLU C 102 16.90 -12.53 13.85
N VAL C 103 17.15 -12.68 15.17
CA VAL C 103 18.34 -12.16 15.86
C VAL C 103 19.57 -12.90 15.28
N PRO C 104 20.70 -12.21 14.95
CA PRO C 104 21.86 -12.94 14.43
C PRO C 104 22.37 -13.96 15.45
N ILE C 105 22.82 -15.13 15.00
CA ILE C 105 23.32 -16.19 15.89
C ILE C 105 24.74 -15.89 16.44
N MET C 106 25.52 -15.00 15.78
CA MET C 106 26.90 -14.68 16.13
C MET C 106 27.71 -16.00 16.22
N ASP C 107 28.38 -16.32 17.35
CA ASP C 107 29.15 -17.58 17.46
C ASP C 107 28.30 -18.74 18.07
N GLY C 108 26.99 -18.49 18.25
CA GLY C 108 26.06 -19.46 18.83
C GLY C 108 25.89 -19.31 20.33
N SER C 109 26.61 -18.37 20.94
CA SER C 109 26.58 -18.14 22.38
C SER C 109 26.11 -16.72 22.70
N ALA C 110 26.12 -16.33 23.99
CA ALA C 110 25.78 -14.96 24.40
C ALA C 110 27.07 -14.11 24.49
N GLY C 111 28.23 -14.74 24.31
CA GLY C 111 29.56 -14.12 24.35
C GLY C 111 29.68 -12.84 23.53
N PRO C 112 29.37 -12.85 22.22
CA PRO C 112 29.51 -11.60 21.44
C PRO C 112 28.54 -10.52 21.89
N PHE C 113 27.34 -10.90 22.41
CA PHE C 113 26.37 -9.91 22.90
C PHE C 113 26.80 -9.28 24.20
N VAL C 114 27.39 -10.05 25.17
CA VAL C 114 27.86 -9.48 26.42
CA VAL C 114 27.86 -9.43 26.42
C VAL C 114 29.02 -8.49 26.09
N PHE C 115 29.87 -8.86 25.12
CA PHE C 115 30.99 -7.98 24.70
C PHE C 115 30.44 -6.68 24.05
N LEU C 116 29.44 -6.78 23.16
CA LEU C 116 28.81 -5.62 22.50
C LEU C 116 28.13 -4.68 23.51
N ILE C 117 27.42 -5.25 24.50
CA ILE C 117 26.73 -4.44 25.51
C ILE C 117 27.76 -3.73 26.41
N GLN C 118 28.75 -4.48 26.91
CA GLN C 118 29.78 -3.92 27.79
C GLN C 118 30.63 -2.88 27.07
N SER C 119 30.78 -3.01 25.72
CA SER C 119 31.50 -2.06 24.87
C SER C 119 30.67 -0.76 24.66
N ALA C 120 29.34 -0.87 24.61
CA ALA C 120 28.48 0.30 24.45
C ALA C 120 28.40 1.07 25.78
N GLY C 121 28.74 0.40 26.89
CA GLY C 121 28.67 0.98 28.23
C GLY C 121 27.27 0.91 28.82
N LEU C 122 27.21 0.81 30.15
CA LEU C 122 25.94 0.73 30.87
C LEU C 122 25.66 2.04 31.57
N GLN C 123 24.37 2.42 31.58
CA GLN C 123 23.94 3.65 32.18
C GLN C 123 22.91 3.38 33.27
N GLU C 124 23.20 3.80 34.50
CA GLU C 124 22.25 3.68 35.61
C GLU C 124 21.21 4.78 35.44
N GLN C 125 19.92 4.45 35.66
CA GLN C 125 18.85 5.40 35.45
C GLN C 125 18.20 5.80 36.78
N GLU C 126 17.54 6.94 36.78
CA GLU C 126 16.89 7.45 38.00
C GLU C 126 15.51 6.80 38.20
N ALA C 127 15.54 5.50 38.46
CA ALA C 127 14.39 4.63 38.71
C ALA C 127 14.83 3.37 39.42
N ALA C 128 13.98 2.83 40.30
CA ALA C 128 14.29 1.58 41.02
C ALA C 128 14.13 0.38 40.11
N LYS C 129 15.09 -0.53 40.17
CA LYS C 129 15.03 -1.79 39.44
C LYS C 129 13.96 -2.68 40.13
N LYS C 130 13.01 -3.22 39.34
CA LYS C 130 11.96 -4.07 39.89
C LYS C 130 12.36 -5.53 39.74
N PHE C 131 12.13 -6.28 40.81
CA PHE C 131 12.40 -7.71 40.87
C PHE C 131 11.15 -8.51 41.15
N ILE C 132 11.08 -9.70 40.56
CA ILE C 132 9.99 -10.62 40.84
CA ILE C 132 10.01 -10.67 40.78
C ILE C 132 10.56 -11.67 41.80
N ARG C 133 10.08 -11.65 43.03
CA ARG C 133 10.54 -12.57 44.04
C ARG C 133 9.60 -13.75 44.09
N ILE C 134 10.15 -14.98 43.96
CA ILE C 134 9.38 -16.24 44.06
C ILE C 134 9.04 -16.44 45.53
N LYS C 135 7.75 -16.52 45.88
CA LYS C 135 7.30 -16.72 47.27
C LYS C 135 6.94 -18.18 47.54
N ARG C 136 6.45 -18.89 46.51
CA ARG C 136 6.03 -20.29 46.64
C ARG C 136 6.49 -21.07 45.45
N GLU C 137 6.67 -22.37 45.60
CA GLU C 137 7.07 -23.25 44.51
C GLU C 137 6.01 -23.28 43.41
N VAL C 138 6.45 -23.18 42.15
CA VAL C 138 5.60 -23.23 40.96
C VAL C 138 6.30 -24.14 39.99
N SER C 139 5.60 -25.14 39.49
CA SER C 139 6.19 -26.08 38.55
C SER C 139 5.22 -26.42 37.42
N VAL C 140 5.78 -26.85 36.30
CA VAL C 140 5.04 -27.32 35.14
C VAL C 140 5.72 -28.59 34.69
N GLU C 141 4.93 -29.57 34.30
CA GLU C 141 5.40 -30.87 33.85
C GLU C 141 4.69 -31.27 32.59
N GLU C 142 5.34 -32.10 31.79
CA GLU C 142 4.83 -32.71 30.57
C GLU C 142 5.67 -33.96 30.30
N GLY C 143 5.14 -35.12 30.66
CA GLY C 143 5.84 -36.38 30.51
C GLY C 143 7.08 -36.43 31.38
N ASP C 144 8.27 -36.55 30.75
CA ASP C 144 9.52 -36.65 31.52
C ASP C 144 10.19 -35.27 31.68
N LYS C 145 9.57 -34.22 31.13
CA LYS C 145 10.06 -32.85 31.17
C LYS C 145 9.46 -32.12 32.37
N ARG C 146 10.24 -31.22 33.00
CA ARG C 146 9.83 -30.46 34.17
C ARG C 146 10.61 -29.15 34.29
N ALA C 147 9.91 -28.10 34.69
CA ALA C 147 10.48 -26.77 34.90
C ALA C 147 9.88 -26.28 36.19
N VAL C 148 10.72 -25.79 37.12
CA VAL C 148 10.30 -25.42 38.47
CA VAL C 148 10.22 -25.38 38.42
C VAL C 148 10.94 -24.11 38.92
N PHE C 149 10.18 -23.28 39.65
CA PHE C 149 10.63 -22.09 40.35
C PHE C 149 10.54 -22.43 41.81
N VAL C 150 11.61 -22.20 42.55
CA VAL C 150 11.62 -22.49 43.96
C VAL C 150 12.05 -21.21 44.69
N PRO C 151 11.43 -20.85 45.83
CA PRO C 151 11.91 -19.67 46.57
C PRO C 151 13.39 -19.81 46.91
N PHE C 152 14.16 -18.74 46.73
CA PHE C 152 15.60 -18.72 46.98
C PHE C 152 16.01 -17.29 47.07
N ASP C 153 16.72 -16.93 48.15
CA ASP C 153 17.17 -15.55 48.34
C ASP C 153 18.39 -15.29 47.45
N GLY C 154 18.14 -15.10 46.16
CA GLY C 154 19.16 -14.84 45.17
C GLY C 154 18.73 -15.30 43.79
N PHE C 155 19.71 -15.58 42.92
CA PHE C 155 19.39 -16.09 41.60
C PHE C 155 20.26 -17.30 41.31
N LYS C 156 19.60 -18.45 41.11
CA LYS C 156 20.25 -19.72 40.88
C LYS C 156 19.55 -20.47 39.78
N VAL C 157 20.33 -21.06 38.86
CA VAL C 157 19.75 -21.84 37.76
C VAL C 157 20.39 -23.23 37.77
N SER C 158 19.53 -24.28 37.81
CA SER C 158 19.98 -25.66 37.67
C SER C 158 19.37 -26.26 36.42
N PHE C 159 20.11 -27.16 35.78
CA PHE C 159 19.62 -27.85 34.58
C PHE C 159 20.17 -29.27 34.55
N GLU C 160 19.33 -30.19 34.08
CA GLU C 160 19.63 -31.61 33.91
C GLU C 160 19.19 -32.02 32.54
N ILE C 161 20.11 -32.56 31.76
CA ILE C 161 19.80 -33.07 30.44
C ILE C 161 19.91 -34.59 30.49
N ASP C 162 19.36 -35.25 29.46
CA ASP C 162 19.40 -36.71 29.35
C ASP C 162 19.16 -37.09 27.88
N PHE C 163 20.13 -36.72 27.00
CA PHE C 163 20.10 -37.02 25.57
C PHE C 163 20.64 -38.43 25.35
N ASP C 164 19.89 -39.30 24.63
CA ASP C 164 20.34 -40.67 24.36
C ASP C 164 21.30 -40.63 23.17
N HIS C 165 22.54 -40.18 23.42
CA HIS C 165 23.59 -40.03 22.43
C HIS C 165 24.97 -40.27 23.07
N PRO C 166 25.93 -40.95 22.38
CA PRO C 166 27.24 -41.21 23.01
C PRO C 166 28.03 -39.96 23.41
N VAL C 167 28.03 -38.90 22.58
CA VAL C 167 28.82 -37.73 22.91
C VAL C 167 28.19 -36.98 24.11
N PHE C 168 26.87 -37.07 24.30
CA PHE C 168 26.15 -36.42 25.41
C PHE C 168 26.29 -37.18 26.70
N ARG C 169 26.13 -38.52 26.66
CA ARG C 169 26.20 -39.36 27.85
C ARG C 169 27.65 -39.46 28.39
N GLY C 170 28.65 -39.11 27.57
CA GLY C 170 30.05 -39.06 27.99
C GLY C 170 30.45 -37.73 28.61
N ARG C 171 29.54 -36.74 28.64
CA ARG C 171 29.78 -35.40 29.22
C ARG C 171 28.84 -35.14 30.40
N THR C 172 29.13 -34.09 31.20
CA THR C 172 28.32 -33.65 32.34
C THR C 172 26.83 -33.56 31.93
N GLN C 173 25.96 -34.16 32.74
CA GLN C 173 24.51 -34.23 32.56
C GLN C 173 23.76 -33.12 33.28
N GLN C 174 24.32 -32.63 34.37
CA GLN C 174 23.68 -31.70 35.27
C GLN C 174 24.66 -30.58 35.70
N ALA C 175 24.15 -29.38 35.92
CA ALA C 175 24.91 -28.23 36.39
C ALA C 175 23.98 -27.29 37.13
N SER C 176 24.52 -26.62 38.14
CA SER C 176 23.83 -25.65 38.99
C SER C 176 24.70 -24.43 39.07
N VAL C 177 24.14 -23.25 38.76
CA VAL C 177 24.91 -22.04 38.83
C VAL C 177 24.21 -21.05 39.75
N ASP C 178 24.90 -20.68 40.83
CA ASP C 178 24.47 -19.70 41.81
C ASP C 178 25.21 -18.45 41.44
N PHE C 179 24.49 -17.44 40.96
CA PHE C 179 25.11 -16.22 40.47
C PHE C 179 25.72 -15.32 41.58
N SER C 180 25.57 -15.67 42.86
CA SER C 180 26.20 -14.91 43.95
C SER C 180 27.70 -15.26 44.04
N SER C 181 28.06 -16.45 43.55
CA SER C 181 29.42 -16.96 43.59
C SER C 181 29.98 -17.27 42.18
N THR C 182 29.16 -17.12 41.13
CA THR C 182 29.60 -17.45 39.77
C THR C 182 29.27 -16.32 38.79
N SER C 183 30.23 -16.01 37.91
CA SER C 183 30.07 -14.99 36.89
C SER C 183 29.31 -15.57 35.69
N PHE C 184 28.18 -14.92 35.30
CA PHE C 184 27.42 -15.26 34.08
C PHE C 184 28.37 -15.19 32.88
N VAL C 185 29.15 -14.10 32.78
CA VAL C 185 30.12 -13.91 31.68
C VAL C 185 31.15 -15.07 31.57
N LYS C 186 31.93 -15.32 32.62
CA LYS C 186 33.01 -16.32 32.60
C LYS C 186 32.53 -17.76 32.38
N GLU C 187 31.54 -18.20 33.17
CA GLU C 187 31.05 -19.57 33.25
C GLU C 187 29.85 -19.93 32.40
N VAL C 188 29.03 -18.95 31.92
CA VAL C 188 27.86 -19.32 31.15
C VAL C 188 27.85 -18.71 29.73
N SER C 189 28.10 -17.39 29.59
CA SER C 189 27.95 -16.62 28.35
C SER C 189 28.59 -17.26 27.10
N ARG C 190 29.75 -17.95 27.24
CA ARG C 190 30.43 -18.52 26.08
C ARG C 190 29.88 -19.89 25.65
N ALA C 191 28.86 -20.44 26.34
CA ALA C 191 28.35 -21.78 25.97
C ALA C 191 27.53 -21.70 24.69
N ARG C 192 27.98 -22.39 23.64
CA ARG C 192 27.36 -22.33 22.32
C ARG C 192 26.21 -23.32 22.18
N THR C 193 25.30 -23.01 21.24
CA THR C 193 24.17 -23.87 20.89
C THR C 193 24.74 -25.12 20.20
N PHE C 194 23.91 -26.13 20.06
CA PHE C 194 24.36 -27.38 19.53
C PHE C 194 23.27 -28.05 18.69
N GLY C 195 23.71 -28.80 17.69
CA GLY C 195 22.81 -29.51 16.78
C GLY C 195 23.32 -30.83 16.29
N PHE C 196 22.48 -31.57 15.56
CA PHE C 196 22.79 -32.89 15.03
C PHE C 196 22.74 -32.89 13.49
N MET C 197 23.67 -33.61 12.87
CA MET C 197 23.77 -33.74 11.41
C MET C 197 22.73 -34.70 10.83
N ARG C 198 22.12 -35.54 11.69
CA ARG C 198 21.14 -36.57 11.30
C ARG C 198 19.83 -35.99 10.72
N ASP C 199 19.29 -34.91 11.32
CA ASP C 199 18.02 -34.32 10.89
C ASP C 199 18.14 -33.03 10.04
N ILE C 200 19.38 -32.65 9.60
CA ILE C 200 19.64 -31.42 8.81
C ILE C 200 18.70 -31.24 7.61
N GLU C 201 18.49 -32.29 6.77
CA GLU C 201 17.66 -32.21 5.56
C GLU C 201 16.22 -31.82 5.88
N TYR C 202 15.60 -32.47 6.90
CA TYR C 202 14.23 -32.14 7.31
C TYR C 202 14.21 -30.70 7.84
N LEU C 203 15.21 -30.33 8.68
CA LEU C 203 15.36 -28.99 9.26
C LEU C 203 15.33 -27.93 8.17
N ARG C 204 16.26 -28.00 7.21
CA ARG C 204 16.39 -27.06 6.08
C ARG C 204 15.08 -26.94 5.29
N SER C 205 14.42 -28.07 4.96
CA SER C 205 13.16 -28.13 4.20
C SER C 205 12.01 -27.44 4.97
N GLN C 206 12.15 -27.35 6.31
CA GLN C 206 11.22 -26.67 7.22
C GLN C 206 11.74 -25.26 7.57
N ASN C 207 12.74 -24.78 6.80
CA ASN C 207 13.41 -23.48 6.90
C ASN C 207 14.10 -23.29 8.26
N LEU C 208 14.71 -24.37 8.78
CA LEU C 208 15.43 -24.39 10.05
C LEU C 208 16.91 -24.67 9.84
N ALA C 209 17.77 -24.07 10.70
CA ALA C 209 19.24 -24.20 10.70
C ALA C 209 19.90 -23.84 9.34
N LEU C 210 19.27 -22.96 8.51
CA LEU C 210 19.84 -22.56 7.21
C LEU C 210 21.16 -21.82 7.36
N GLY C 211 21.33 -21.10 8.48
CA GLY C 211 22.56 -20.38 8.78
C GLY C 211 23.53 -21.16 9.64
N GLY C 212 23.13 -22.36 10.07
CA GLY C 212 23.93 -23.23 10.93
C GLY C 212 25.18 -23.81 10.30
N SER C 213 26.30 -23.78 11.05
CA SER C 213 27.63 -24.32 10.72
C SER C 213 28.46 -24.51 12.01
N VAL C 214 29.68 -25.06 11.90
CA VAL C 214 30.62 -25.22 13.02
C VAL C 214 31.06 -23.85 13.57
N GLU C 215 30.92 -22.77 12.77
CA GLU C 215 31.33 -21.42 13.18
C GLU C 215 30.32 -20.76 14.16
N ASN C 216 29.09 -21.30 14.28
CA ASN C 216 28.09 -20.74 15.19
C ASN C 216 27.34 -21.81 16.02
N ALA C 217 27.88 -23.04 16.07
CA ALA C 217 27.24 -24.14 16.81
C ALA C 217 28.17 -25.29 17.05
N ILE C 218 27.93 -26.05 18.13
CA ILE C 218 28.62 -27.32 18.35
C ILE C 218 27.88 -28.28 17.46
N VAL C 219 28.55 -28.79 16.43
CA VAL C 219 27.91 -29.70 15.49
C VAL C 219 28.34 -31.11 15.86
N VAL C 220 27.34 -31.96 16.10
CA VAL C 220 27.51 -33.32 16.58
C VAL C 220 27.09 -34.36 15.52
N ASP C 221 27.95 -35.36 15.28
CA ASP C 221 27.66 -36.46 14.36
C ASP C 221 26.93 -37.59 15.12
N GLU C 222 26.92 -38.82 14.60
CA GLU C 222 26.28 -39.95 15.28
C GLU C 222 27.12 -40.44 16.47
N ASN C 223 28.43 -40.12 16.49
CA ASN C 223 29.38 -40.58 17.49
C ASN C 223 30.23 -39.48 18.17
N ARG C 224 30.58 -38.34 17.49
CA ARG C 224 31.43 -37.31 18.13
C ARG C 224 31.11 -35.85 17.73
N VAL C 225 31.89 -34.91 18.30
CA VAL C 225 31.84 -33.46 18.03
C VAL C 225 32.67 -33.20 16.76
N LEU C 226 32.06 -32.55 15.74
CA LEU C 226 32.73 -32.26 14.47
C LEU C 226 33.66 -31.04 14.56
N ASN C 227 33.36 -30.08 15.46
CA ASN C 227 34.15 -28.86 15.65
C ASN C 227 35.62 -29.21 15.93
N GLU C 228 36.50 -28.72 15.06
CA GLU C 228 37.95 -28.99 15.09
C GLU C 228 38.60 -28.63 16.44
N ASP C 229 38.18 -27.51 17.04
CA ASP C 229 38.73 -26.98 18.29
C ASP C 229 38.02 -27.50 19.57
N GLY C 230 37.11 -28.46 19.43
CA GLY C 230 36.42 -29.07 20.55
C GLY C 230 35.43 -28.16 21.29
N LEU C 231 35.34 -28.33 22.61
CA LEU C 231 34.42 -27.57 23.46
C LEU C 231 35.12 -26.47 24.27
N ARG C 232 34.34 -25.44 24.63
CA ARG C 232 34.79 -24.29 25.40
C ARG C 232 34.74 -24.56 26.89
N TYR C 233 33.90 -25.52 27.27
CA TYR C 233 33.68 -26.01 28.63
C TYR C 233 33.43 -27.50 28.53
N GLU C 234 33.82 -28.27 29.55
CA GLU C 234 33.53 -29.71 29.53
C GLU C 234 31.98 -29.91 29.55
N ASP C 235 31.27 -29.06 30.31
CA ASP C 235 29.81 -29.13 30.44
C ASP C 235 29.13 -28.09 29.54
N GLU C 236 29.69 -27.84 28.35
CA GLU C 236 29.12 -26.81 27.45
C GLU C 236 27.64 -27.07 27.10
N PHE C 237 27.24 -28.33 26.82
CA PHE C 237 25.84 -28.63 26.44
C PHE C 237 24.86 -28.20 27.54
N VAL C 238 25.10 -28.63 28.80
CA VAL C 238 24.19 -28.27 29.88
C VAL C 238 24.32 -26.75 30.21
N LYS C 239 25.53 -26.14 30.08
CA LYS C 239 25.65 -24.69 30.31
C LYS C 239 24.88 -23.91 29.25
N HIS C 240 24.77 -24.44 28.00
CA HIS C 240 23.99 -23.71 26.99
C HIS C 240 22.51 -23.81 27.34
N LYS C 241 22.08 -24.93 27.93
CA LYS C 241 20.67 -25.06 28.31
C LYS C 241 20.33 -24.04 29.41
N ILE C 242 21.32 -23.74 30.27
CA ILE C 242 21.21 -22.77 31.38
C ILE C 242 21.09 -21.38 30.78
N LEU C 243 21.94 -21.10 29.78
CA LEU C 243 21.94 -19.84 29.02
C LEU C 243 20.56 -19.60 28.42
N ASP C 244 20.04 -20.61 27.70
CA ASP C 244 18.71 -20.54 27.09
C ASP C 244 17.64 -20.26 28.12
N ALA C 245 17.68 -20.99 29.26
CA ALA C 245 16.68 -20.80 30.31
C ALA C 245 16.77 -19.36 30.85
N ILE C 246 17.99 -18.79 31.00
CA ILE C 246 18.18 -17.44 31.52
C ILE C 246 17.54 -16.43 30.57
N GLY C 247 17.69 -16.66 29.27
CA GLY C 247 17.09 -15.78 28.26
C GLY C 247 15.59 -15.91 28.21
N ASP C 248 15.08 -17.16 28.20
CA ASP C 248 13.63 -17.40 28.19
C ASP C 248 12.97 -16.85 29.46
N LEU C 249 13.62 -16.97 30.62
CA LEU C 249 13.09 -16.46 31.87
C LEU C 249 13.03 -14.93 31.88
N TYR C 250 13.87 -14.22 31.07
CA TYR C 250 13.86 -12.75 31.08
C TYR C 250 12.61 -12.17 30.42
N LEU C 251 11.81 -13.03 29.75
CA LEU C 251 10.53 -12.62 29.15
C LEU C 251 9.49 -12.34 30.26
N LEU C 252 9.87 -12.56 31.54
CA LEU C 252 9.04 -12.18 32.66
C LEU C 252 8.91 -10.64 32.71
N GLY C 253 9.90 -9.93 32.16
CA GLY C 253 9.89 -8.47 32.08
C GLY C 253 10.66 -7.80 33.21
N ASN C 254 11.05 -8.62 34.21
CA ASN C 254 11.83 -8.22 35.38
C ASN C 254 12.72 -9.37 35.83
N SER C 255 13.82 -9.02 36.52
CA SER C 255 14.80 -9.95 37.07
C SER C 255 14.19 -10.77 38.19
N LEU C 256 14.62 -12.03 38.29
CA LEU C 256 14.08 -12.93 39.31
C LEU C 256 14.89 -13.01 40.57
N ILE C 257 14.18 -13.15 41.70
CA ILE C 257 14.71 -13.48 43.02
C ILE C 257 14.13 -14.85 43.27
N GLY C 258 14.92 -15.86 42.96
CA GLY C 258 14.48 -17.24 43.13
C GLY C 258 15.41 -18.22 42.44
N GLU C 259 14.98 -19.45 42.39
CA GLU C 259 15.75 -20.52 41.80
C GLU C 259 14.97 -21.22 40.70
N PHE C 260 15.62 -21.46 39.56
CA PHE C 260 15.01 -22.19 38.46
C PHE C 260 15.64 -23.57 38.37
N ARG C 261 14.84 -24.62 38.12
CA ARG C 261 15.40 -25.96 37.92
C ARG C 261 14.77 -26.57 36.69
N GLY C 262 15.59 -26.89 35.68
CA GLY C 262 15.13 -27.48 34.43
C GLY C 262 15.52 -28.94 34.30
N PHE C 263 14.55 -29.78 33.92
CA PHE C 263 14.78 -31.21 33.75
C PHE C 263 14.28 -31.57 32.36
N LYS C 264 15.22 -31.63 31.38
CA LYS C 264 15.00 -31.93 29.94
C LYS C 264 14.05 -30.89 29.33
N SER C 265 13.97 -29.75 30.01
CA SER C 265 13.10 -28.63 29.70
C SER C 265 13.62 -27.91 28.43
N GLY C 266 12.74 -27.17 27.78
CA GLY C 266 13.08 -26.43 26.57
C GLY C 266 12.33 -25.12 26.50
N HIS C 267 12.34 -24.48 25.32
CA HIS C 267 11.69 -23.17 25.13
C HIS C 267 10.20 -23.21 25.46
N ALA C 268 9.49 -24.27 25.00
CA ALA C 268 8.06 -24.43 25.20
C ALA C 268 7.71 -24.49 26.69
N LEU C 269 8.33 -25.41 27.44
CA LEU C 269 8.02 -25.57 28.85
C LEU C 269 8.51 -24.39 29.70
N ASN C 270 9.63 -23.71 29.30
CA ASN C 270 10.09 -22.51 30.01
C ASN C 270 9.01 -21.42 29.93
N ASN C 271 8.40 -21.24 28.74
CA ASN C 271 7.38 -20.21 28.59
C ASN C 271 6.10 -20.61 29.34
N GLN C 272 5.79 -21.92 29.38
CA GLN C 272 4.60 -22.38 30.11
C GLN C 272 4.80 -22.16 31.62
N LEU C 273 6.06 -22.22 32.11
CA LEU C 273 6.36 -21.98 33.53
C LEU C 273 6.11 -20.50 33.85
N LEU C 274 6.56 -19.60 32.99
CA LEU C 274 6.35 -18.14 33.12
C LEU C 274 4.85 -17.83 33.17
N ARG C 275 4.07 -18.38 32.19
CA ARG C 275 2.62 -18.18 32.09
C ARG C 275 1.89 -18.72 33.33
N THR C 276 2.34 -19.85 33.90
CA THR C 276 1.72 -20.39 35.11
C THR C 276 2.10 -19.51 36.31
N LEU C 277 3.37 -19.07 36.38
CA LEU C 277 3.82 -18.21 37.46
C LEU C 277 3.00 -16.90 37.46
N ILE C 278 2.92 -16.21 36.30
CA ILE C 278 2.18 -14.94 36.16
C ILE C 278 0.72 -15.14 36.64
N ALA C 279 0.07 -16.22 36.21
CA ALA C 279 -1.31 -16.55 36.59
C ALA C 279 -1.46 -16.86 38.10
N ASP C 280 -0.38 -17.37 38.75
CA ASP C 280 -0.40 -17.71 40.18
C ASP C 280 0.16 -16.53 41.00
N LYS C 281 -0.63 -15.44 41.09
CA LYS C 281 -0.29 -14.17 41.75
C LYS C 281 0.10 -14.35 43.23
N ASP C 282 -0.38 -15.40 43.90
CA ASP C 282 0.02 -15.68 45.28
C ASP C 282 1.47 -16.21 45.39
N ALA C 283 2.02 -16.78 44.31
CA ALA C 283 3.37 -17.36 44.28
C ALA C 283 4.50 -16.34 44.06
N TRP C 284 4.17 -15.05 43.80
CA TRP C 284 5.20 -14.04 43.59
C TRP C 284 4.75 -12.64 44.03
N GLU C 285 5.72 -11.71 44.06
CA GLU C 285 5.54 -10.30 44.42
C GLU C 285 6.64 -9.44 43.77
N VAL C 286 6.29 -8.20 43.44
CA VAL C 286 7.20 -7.20 42.86
C VAL C 286 7.87 -6.53 44.05
N VAL C 287 9.21 -6.43 44.02
CA VAL C 287 10.00 -5.84 45.11
C VAL C 287 11.06 -4.91 44.52
N THR C 288 11.38 -3.82 45.25
CA THR C 288 12.46 -2.90 44.88
C THR C 288 13.34 -2.80 46.12
N PHE C 289 14.59 -2.36 45.96
CA PHE C 289 15.52 -2.28 47.07
C PHE C 289 16.11 -0.89 47.18
N GLU C 290 15.79 -0.19 48.28
CA GLU C 290 16.28 1.15 48.60
C GLU C 290 17.77 1.13 48.97
N ASP C 291 18.26 0.00 49.48
CA ASP C 291 19.67 -0.17 49.84
C ASP C 291 20.22 -1.42 49.13
N ALA C 292 21.06 -1.21 48.10
CA ALA C 292 21.69 -2.25 47.26
C ALA C 292 22.39 -3.34 48.09
N ARG C 293 22.97 -2.96 49.24
CA ARG C 293 23.65 -3.89 50.18
C ARG C 293 22.71 -4.90 50.87
N THR C 294 21.39 -4.61 50.97
CA THR C 294 20.47 -5.52 51.65
C THR C 294 19.81 -6.52 50.67
N ALA C 295 20.08 -6.36 49.38
CA ALA C 295 19.49 -7.21 48.35
C ALA C 295 20.22 -8.54 48.20
N PRO C 296 19.52 -9.63 47.82
CA PRO C 296 20.19 -10.92 47.68
C PRO C 296 20.79 -11.14 46.28
N ILE C 297 20.67 -10.10 45.40
CA ILE C 297 21.19 -10.09 44.02
C ILE C 297 22.07 -8.85 43.82
N SER C 298 23.24 -9.05 43.20
CA SER C 298 24.21 -7.99 42.91
C SER C 298 24.54 -7.96 41.41
N TYR C 299 24.90 -6.78 40.91
CA TYR C 299 25.27 -6.61 39.52
C TYR C 299 26.66 -5.97 39.45
N MET C 300 27.39 -6.22 38.33
CA MET C 300 28.69 -5.61 38.09
C MET C 300 28.48 -4.11 37.94
N ARG C 301 29.53 -3.29 38.18
CA ARG C 301 29.45 -1.82 38.02
C ARG C 301 29.03 -1.43 36.59
N PRO C 302 28.37 -0.27 36.36
CA PRO C 302 27.99 0.09 34.98
C PRO C 302 29.20 0.53 34.13
N SER D 1 -2.08 -2.93 -49.06
CA SER D 1 -1.02 -3.17 -50.06
C SER D 1 0.21 -2.28 -49.76
N ASN D 2 1.29 -2.38 -50.57
CA ASN D 2 2.49 -1.54 -50.38
C ASN D 2 2.24 -0.07 -50.74
N ALA D 3 1.29 0.22 -51.64
CA ALA D 3 0.99 1.58 -52.10
C ALA D 3 0.06 2.38 -51.16
N MET D 4 -0.48 1.73 -50.12
CA MET D 4 -1.44 2.37 -49.21
C MET D 4 -0.83 3.47 -48.33
N ILE D 5 -1.67 4.35 -47.76
CA ILE D 5 -1.18 5.29 -46.73
C ILE D 5 -1.06 4.42 -45.49
N LYS D 6 0.16 4.31 -44.94
CA LYS D 6 0.40 3.44 -43.80
C LYS D 6 0.37 4.17 -42.46
N GLN D 7 0.10 3.41 -41.36
CA GLN D 7 0.23 3.95 -40.00
C GLN D 7 1.69 4.24 -39.73
N ARG D 8 1.94 5.19 -38.82
CA ARG D 8 3.29 5.61 -38.45
C ARG D 8 3.48 5.62 -36.98
N THR D 9 4.70 5.25 -36.59
CA THR D 9 5.13 5.34 -35.22
C THR D 9 6.53 6.00 -35.24
N LEU D 10 7.18 6.09 -34.09
CA LEU D 10 8.53 6.60 -33.96
C LEU D 10 9.50 5.48 -34.29
N LYS D 11 10.66 5.82 -34.87
CA LYS D 11 11.71 4.84 -35.18
C LYS D 11 12.47 4.44 -33.91
N ASN D 12 12.59 5.39 -32.98
CA ASN D 12 13.37 5.23 -31.74
C ASN D 12 12.73 5.95 -30.57
N ILE D 13 13.19 5.62 -29.36
CA ILE D 13 12.77 6.31 -28.15
C ILE D 13 13.50 7.66 -28.07
N ILE D 14 12.80 8.72 -27.67
CA ILE D 14 13.46 10.00 -27.48
C ILE D 14 12.98 10.56 -26.13
N ARG D 15 13.85 11.33 -25.50
CA ARG D 15 13.62 11.87 -24.17
C ARG D 15 13.85 13.35 -24.12
N ALA D 16 12.97 14.04 -23.37
CA ALA D 16 13.07 15.46 -23.09
C ALA D 16 12.74 15.74 -21.62
N THR D 17 13.28 16.82 -21.11
CA THR D 17 13.06 17.30 -19.74
C THR D 17 12.44 18.70 -19.85
N GLY D 18 11.48 18.99 -18.99
CA GLY D 18 10.83 20.29 -18.97
C GLY D 18 10.04 20.53 -17.71
N VAL D 19 9.17 21.55 -17.77
CA VAL D 19 8.32 21.96 -16.64
CA VAL D 19 8.35 21.98 -16.64
C VAL D 19 6.89 22.11 -17.11
N GLY D 20 5.95 21.70 -16.27
CA GLY D 20 4.53 21.84 -16.57
C GLY D 20 4.14 23.31 -16.49
N LEU D 21 3.49 23.83 -17.54
CA LEU D 21 3.07 25.25 -17.54
C LEU D 21 2.22 25.60 -16.32
N HIS D 22 1.19 24.79 -16.01
CA HIS D 22 0.31 25.19 -14.92
C HIS D 22 0.79 24.74 -13.54
N SER D 23 1.35 23.52 -13.42
CA SER D 23 1.85 23.01 -12.13
C SER D 23 3.24 23.55 -11.75
N GLY D 24 4.05 23.87 -12.75
CA GLY D 24 5.42 24.32 -12.57
C GLY D 24 6.36 23.20 -12.15
N GLU D 25 5.91 21.94 -12.20
CA GLU D 25 6.67 20.77 -11.74
C GLU D 25 7.64 20.26 -12.79
N LYS D 26 8.84 19.82 -12.36
CA LYS D 26 9.81 19.22 -13.28
C LYS D 26 9.23 17.93 -13.84
N VAL D 27 9.40 17.68 -15.16
CA VAL D 27 8.83 16.46 -15.73
C VAL D 27 9.77 15.88 -16.79
N TYR D 28 9.97 14.55 -16.70
CA TYR D 28 10.70 13.78 -17.68
C TYR D 28 9.68 13.23 -18.65
N LEU D 29 9.90 13.52 -19.95
CA LEU D 29 9.04 13.09 -21.04
C LEU D 29 9.77 12.04 -21.87
N THR D 30 9.10 10.93 -22.15
CA THR D 30 9.68 9.88 -22.98
C THR D 30 8.69 9.56 -24.08
N LEU D 31 9.12 9.62 -25.35
CA LEU D 31 8.28 9.27 -26.48
C LEU D 31 8.75 7.92 -27.03
N LYS D 32 7.88 6.90 -27.04
CA LYS D 32 8.33 5.58 -27.48
C LYS D 32 7.53 5.05 -28.67
N PRO D 33 8.17 4.22 -29.54
CA PRO D 33 7.39 3.54 -30.61
C PRO D 33 6.27 2.71 -30.02
N ALA D 34 5.19 2.50 -30.77
CA ALA D 34 4.11 1.65 -30.28
C ALA D 34 3.56 0.82 -31.41
N PRO D 35 3.09 -0.41 -31.15
CA PRO D 35 2.57 -1.23 -32.25
C PRO D 35 1.37 -0.63 -32.97
N VAL D 36 1.05 -1.22 -34.11
CA VAL D 36 -0.08 -0.90 -34.97
C VAL D 36 -1.40 -0.93 -34.15
N ASP D 37 -2.30 0.06 -34.43
CA ASP D 37 -3.64 0.26 -33.84
C ASP D 37 -3.58 0.55 -32.31
N THR D 38 -2.46 1.10 -31.82
CA THR D 38 -2.35 1.48 -30.41
C THR D 38 -3.01 2.86 -30.18
N GLY D 39 -2.81 3.77 -31.12
CA GLY D 39 -3.19 5.17 -31.01
C GLY D 39 -2.13 5.86 -30.14
N ILE D 40 -2.40 7.10 -29.69
CA ILE D 40 -1.48 7.79 -28.76
C ILE D 40 -1.92 7.43 -27.34
N VAL D 41 -0.98 6.99 -26.51
CA VAL D 41 -1.32 6.58 -25.14
C VAL D 41 -0.40 7.30 -24.17
N PHE D 42 -0.99 7.99 -23.20
CA PHE D 42 -0.19 8.68 -22.18
C PHE D 42 -0.03 7.75 -21.01
N SER D 43 1.15 7.71 -20.41
CA SER D 43 1.41 6.85 -19.27
C SER D 43 2.05 7.65 -18.15
N ARG D 44 1.56 7.45 -16.93
CA ARG D 44 2.15 8.04 -15.73
C ARG D 44 3.07 6.96 -15.13
N THR D 45 4.38 7.12 -15.32
CA THR D 45 5.38 6.14 -14.89
C THR D 45 5.89 6.39 -13.46
N ASP D 46 5.43 7.47 -12.81
CA ASP D 46 5.73 7.82 -11.42
C ASP D 46 4.74 7.15 -10.46
N LEU D 47 3.79 6.36 -11.01
CA LEU D 47 2.75 5.65 -10.25
C LEU D 47 3.00 4.15 -10.26
N ASP D 48 2.61 3.46 -9.16
CA ASP D 48 2.73 2.01 -9.00
C ASP D 48 1.34 1.35 -8.85
N PRO D 49 0.80 0.62 -9.86
CA PRO D 49 1.38 0.33 -11.19
C PRO D 49 1.32 1.54 -12.11
N VAL D 50 1.88 1.40 -13.32
CA VAL D 50 1.87 2.43 -14.34
C VAL D 50 0.40 2.61 -14.77
N VAL D 51 -0.05 3.88 -14.92
CA VAL D 51 -1.41 4.17 -15.39
C VAL D 51 -1.33 4.69 -16.81
N GLU D 52 -2.03 4.02 -17.74
CA GLU D 52 -2.12 4.41 -19.15
C GLU D 52 -3.43 5.12 -19.42
N ILE D 53 -3.39 6.23 -20.15
CA ILE D 53 -4.59 6.96 -20.56
C ILE D 53 -4.55 7.16 -22.07
N PRO D 54 -5.38 6.44 -22.85
CA PRO D 54 -5.42 6.69 -24.31
C PRO D 54 -5.84 8.13 -24.61
N ALA D 55 -5.19 8.77 -25.58
CA ALA D 55 -5.52 10.15 -25.96
C ALA D 55 -6.79 10.13 -26.82
N ARG D 56 -7.97 9.96 -26.17
CA ARG D 56 -9.28 9.88 -26.81
C ARG D 56 -10.26 10.83 -26.16
N ALA D 57 -11.22 11.39 -26.96
CA ALA D 57 -12.22 12.37 -26.51
C ALA D 57 -12.95 11.96 -25.23
N GLU D 58 -13.27 10.66 -25.05
CA GLU D 58 -13.98 10.11 -23.88
C GLU D 58 -13.18 10.28 -22.58
N ASN D 59 -11.85 10.42 -22.67
CA ASN D 59 -10.97 10.50 -21.50
C ASN D 59 -10.62 11.94 -21.11
N VAL D 60 -11.21 12.92 -21.76
CA VAL D 60 -11.01 14.33 -21.40
C VAL D 60 -11.88 14.58 -20.18
N GLY D 61 -11.28 15.05 -19.09
CA GLY D 61 -12.00 15.26 -17.83
C GLY D 61 -12.07 16.70 -17.35
N GLU D 62 -11.22 17.56 -17.90
CA GLU D 62 -11.14 18.98 -17.53
C GLU D 62 -10.63 19.80 -18.73
N THR D 63 -11.18 21.01 -18.89
CA THR D 63 -10.84 21.94 -19.98
C THR D 63 -10.78 23.36 -19.41
N THR D 64 -10.15 23.53 -18.25
CA THR D 64 -10.13 24.85 -17.55
C THR D 64 -9.23 25.84 -18.30
N MET D 65 -7.95 25.51 -18.51
CA MET D 65 -7.03 26.39 -19.25
C MET D 65 -6.29 25.58 -20.31
N SER D 66 -6.33 24.25 -20.17
CA SER D 66 -5.72 23.30 -21.09
C SER D 66 -6.62 22.08 -21.24
N THR D 67 -6.25 21.14 -22.10
CA THR D 67 -6.98 19.89 -22.24
C THR D 67 -6.33 18.87 -21.28
N THR D 68 -7.13 18.30 -20.37
CA THR D 68 -6.66 17.33 -19.38
C THR D 68 -7.31 15.98 -19.59
N LEU D 69 -6.50 14.91 -19.65
CA LEU D 69 -6.96 13.53 -19.73
C LEU D 69 -7.07 12.98 -18.32
N VAL D 70 -8.14 12.24 -18.03
CA VAL D 70 -8.40 11.73 -16.68
C VAL D 70 -8.82 10.25 -16.75
N LYS D 71 -8.27 9.43 -15.85
CA LYS D 71 -8.61 8.03 -15.63
C LYS D 71 -8.76 7.86 -14.12
N GLY D 72 -10.00 7.80 -13.64
CA GLY D 72 -10.28 7.75 -12.21
C GLY D 72 -9.73 9.00 -11.56
N ASP D 73 -8.73 8.84 -10.71
CA ASP D 73 -8.12 10.01 -10.10
C ASP D 73 -6.74 10.32 -10.72
N VAL D 74 -6.41 9.66 -11.85
CA VAL D 74 -5.13 9.93 -12.51
C VAL D 74 -5.36 10.93 -13.65
N LYS D 75 -4.53 12.00 -13.67
CA LYS D 75 -4.53 13.12 -14.61
C LYS D 75 -3.27 13.22 -15.47
N VAL D 76 -3.46 13.73 -16.70
CA VAL D 76 -2.38 14.12 -17.60
C VAL D 76 -2.81 15.49 -18.15
N ASP D 77 -2.19 16.57 -17.66
CA ASP D 77 -2.52 17.94 -18.06
C ASP D 77 -1.77 18.43 -19.29
N THR D 78 -2.36 19.41 -20.03
CA THR D 78 -1.81 20.16 -21.16
C THR D 78 -1.27 19.22 -22.24
N VAL D 79 -2.16 18.41 -22.79
CA VAL D 79 -1.80 17.42 -23.83
C VAL D 79 -1.86 18.01 -25.26
N GLU D 80 -2.47 19.20 -25.43
CA GLU D 80 -2.78 19.76 -26.76
C GLU D 80 -1.56 20.12 -27.65
N HIS D 81 -0.47 20.68 -27.10
CA HIS D 81 0.66 21.06 -27.95
C HIS D 81 1.41 19.86 -28.45
N LEU D 82 1.59 18.84 -27.57
CA LEU D 82 2.25 17.60 -27.99
C LEU D 82 1.39 16.87 -29.01
N LEU D 83 0.07 16.81 -28.77
CA LEU D 83 -0.84 16.15 -29.71
C LEU D 83 -0.91 16.87 -31.05
N SER D 84 -0.77 18.22 -31.05
CA SER D 84 -0.75 19.01 -32.30
C SER D 84 0.45 18.59 -33.14
N ALA D 85 1.61 18.41 -32.49
CA ALA D 85 2.87 17.97 -33.10
C ALA D 85 2.70 16.54 -33.70
N MET D 86 2.02 15.63 -32.94
CA MET D 86 1.74 14.25 -33.35
CA MET D 86 1.78 14.26 -33.40
C MET D 86 0.81 14.24 -34.58
N ALA D 87 -0.23 15.09 -34.56
CA ALA D 87 -1.19 15.21 -35.69
C ALA D 87 -0.49 15.81 -36.92
N GLY D 88 0.30 16.85 -36.72
CA GLY D 88 0.98 17.55 -37.80
C GLY D 88 2.00 16.68 -38.50
N LEU D 89 2.58 15.68 -37.80
CA LEU D 89 3.58 14.80 -38.40
C LEU D 89 3.03 13.46 -38.82
N GLY D 90 1.73 13.26 -38.63
CA GLY D 90 1.02 12.04 -38.97
C GLY D 90 1.34 10.84 -38.10
N ILE D 91 1.70 11.04 -36.82
CA ILE D 91 2.00 9.90 -35.91
C ILE D 91 0.72 9.24 -35.44
N ASP D 92 0.49 7.97 -35.83
CA ASP D 92 -0.69 7.26 -35.35
C ASP D 92 -0.50 6.60 -34.00
N ASN D 93 0.68 5.98 -33.78
CA ASN D 93 0.95 5.13 -32.63
C ASN D 93 2.16 5.56 -31.86
N ALA D 94 1.99 5.80 -30.56
CA ALA D 94 3.08 6.21 -29.67
C ALA D 94 2.67 6.11 -28.23
N TYR D 95 3.66 5.81 -27.38
CA TYR D 95 3.53 5.85 -25.93
C TYR D 95 4.19 7.14 -25.49
N VAL D 96 3.48 7.93 -24.70
CA VAL D 96 3.97 9.18 -24.16
C VAL D 96 4.07 8.96 -22.68
N GLU D 97 5.28 8.78 -22.19
CA GLU D 97 5.50 8.52 -20.77
C GLU D 97 5.86 9.78 -20.08
N LEU D 98 5.26 10.01 -18.90
CA LEU D 98 5.50 11.21 -18.08
C LEU D 98 5.80 10.87 -16.65
N SER D 99 6.78 11.56 -16.04
CA SER D 99 7.11 11.33 -14.64
C SER D 99 6.24 12.20 -13.70
N ALA D 100 5.36 13.04 -14.26
CA ALA D 100 4.51 13.93 -13.48
C ALA D 100 3.18 14.15 -14.22
N SER D 101 2.23 14.85 -13.59
CA SER D 101 0.86 15.03 -14.08
C SER D 101 0.72 15.99 -15.28
N GLU D 102 1.80 16.57 -15.80
CA GLU D 102 1.64 17.51 -16.92
C GLU D 102 2.77 17.41 -17.95
N VAL D 103 2.40 17.50 -19.23
CA VAL D 103 3.33 17.52 -20.36
C VAL D 103 4.21 18.80 -20.19
N PRO D 104 5.53 18.72 -20.38
CA PRO D 104 6.36 19.94 -20.29
C PRO D 104 5.91 20.97 -21.34
N ILE D 105 5.90 22.27 -20.98
CA ILE D 105 5.46 23.32 -21.92
C ILE D 105 6.53 23.64 -23.01
N MET D 106 7.83 23.30 -22.77
CA MET D 106 8.96 23.62 -23.66
C MET D 106 8.97 25.16 -23.92
N ASP D 107 8.95 25.64 -25.18
CA ASP D 107 8.94 27.08 -25.48
C ASP D 107 7.50 27.64 -25.59
N GLY D 108 6.52 26.79 -25.28
CA GLY D 108 5.10 27.13 -25.34
C GLY D 108 4.45 26.85 -26.67
N SER D 109 5.18 26.25 -27.61
CA SER D 109 4.68 25.94 -28.96
C SER D 109 4.80 24.44 -29.22
N ALA D 110 4.54 23.98 -30.44
CA ALA D 110 4.72 22.57 -30.81
C ALA D 110 6.11 22.36 -31.46
N GLY D 111 6.86 23.46 -31.65
CA GLY D 111 8.20 23.47 -32.26
C GLY D 111 9.17 22.46 -31.67
N PRO D 112 9.45 22.48 -30.33
CA PRO D 112 10.40 21.51 -29.77
C PRO D 112 9.92 20.08 -29.92
N PHE D 113 8.59 19.81 -29.91
CA PHE D 113 8.06 18.46 -30.10
C PHE D 113 8.18 17.99 -31.56
N VAL D 114 7.92 18.87 -32.55
CA VAL D 114 8.09 18.42 -33.95
C VAL D 114 9.59 18.14 -34.18
N PHE D 115 10.48 18.92 -33.56
CA PHE D 115 11.93 18.69 -33.70
C PHE D 115 12.34 17.36 -33.03
N LEU D 116 11.81 17.05 -31.83
CA LEU D 116 12.10 15.78 -31.12
C LEU D 116 11.62 14.55 -31.91
N ILE D 117 10.38 14.60 -32.44
CA ILE D 117 9.80 13.49 -33.19
C ILE D 117 10.61 13.28 -34.49
N GLN D 118 10.85 14.34 -35.26
CA GLN D 118 11.60 14.21 -36.52
C GLN D 118 13.03 13.75 -36.27
N SER D 119 13.59 14.07 -35.08
CA SER D 119 14.93 13.63 -34.68
C SER D 119 14.95 12.14 -34.28
N ALA D 120 13.84 11.62 -33.74
CA ALA D 120 13.75 10.21 -33.38
C ALA D 120 13.55 9.36 -34.65
N GLY D 121 13.05 10.02 -35.72
CA GLY D 121 12.75 9.37 -36.98
C GLY D 121 11.38 8.72 -36.97
N LEU D 122 10.76 8.64 -38.14
CA LEU D 122 9.44 8.06 -38.30
C LEU D 122 9.53 6.70 -38.92
N GLN D 123 8.65 5.79 -38.46
CA GLN D 123 8.61 4.44 -38.96
C GLN D 123 7.24 4.11 -39.53
N GLU D 124 7.19 3.77 -40.82
CA GLU D 124 5.95 3.35 -41.46
C GLU D 124 5.66 1.93 -41.03
N GLN D 125 4.39 1.63 -40.76
CA GLN D 125 3.99 0.34 -40.23
C GLN D 125 3.14 -0.45 -41.20
N GLU D 126 3.08 -1.77 -40.99
CA GLU D 126 2.31 -2.67 -41.86
C GLU D 126 0.81 -2.71 -41.48
N ALA D 127 0.15 -1.57 -41.68
CA ALA D 127 -1.27 -1.34 -41.42
C ALA D 127 -1.75 -0.10 -42.13
N ALA D 128 -3.01 -0.09 -42.56
CA ALA D 128 -3.57 1.10 -43.22
C ALA D 128 -3.88 2.19 -42.21
N LYS D 129 -3.50 3.43 -42.54
CA LYS D 129 -3.82 4.59 -41.71
C LYS D 129 -5.34 4.85 -41.83
N LYS D 130 -6.04 4.90 -40.70
CA LYS D 130 -7.47 5.16 -40.72
C LYS D 130 -7.74 6.66 -40.62
N PHE D 131 -8.65 7.15 -41.47
CA PHE D 131 -9.09 8.54 -41.49
C PHE D 131 -10.56 8.64 -41.14
N ILE D 132 -10.95 9.75 -40.52
CA ILE D 132 -12.36 10.03 -40.26
C ILE D 132 -12.74 11.12 -41.25
N ARG D 133 -13.62 10.79 -42.20
CA ARG D 133 -14.06 11.76 -43.20
C ARG D 133 -15.36 12.38 -42.77
N ILE D 134 -15.43 13.73 -42.74
CA ILE D 134 -16.64 14.51 -42.42
C ILE D 134 -17.57 14.41 -43.63
N LYS D 135 -18.77 13.84 -43.45
CA LYS D 135 -19.76 13.67 -44.53
C LYS D 135 -20.82 14.75 -44.50
N ARG D 136 -21.13 15.26 -43.30
CA ARG D 136 -22.18 16.26 -43.09
C ARG D 136 -21.70 17.32 -42.13
N GLU D 137 -22.25 18.53 -42.20
CA GLU D 137 -21.88 19.60 -41.29
C GLU D 137 -22.30 19.27 -39.84
N VAL D 138 -21.37 19.50 -38.90
CA VAL D 138 -21.59 19.30 -37.47
C VAL D 138 -21.12 20.54 -36.76
N SER D 139 -21.96 21.12 -35.90
CA SER D 139 -21.57 22.33 -35.18
C SER D 139 -22.06 22.30 -33.74
N VAL D 140 -21.35 23.01 -32.88
CA VAL D 140 -21.69 23.22 -31.49
C VAL D 140 -21.56 24.73 -31.28
N GLU D 141 -22.44 25.28 -30.46
CA GLU D 141 -22.41 26.69 -30.13
C GLU D 141 -22.73 26.88 -28.69
N GLU D 142 -22.19 27.94 -28.10
CA GLU D 142 -22.51 28.37 -26.74
C GLU D 142 -22.24 29.87 -26.67
N GLY D 143 -23.33 30.64 -26.62
CA GLY D 143 -23.26 32.10 -26.61
C GLY D 143 -22.65 32.58 -27.90
N ASP D 144 -21.52 33.33 -27.80
CA ASP D 144 -20.87 33.88 -28.99
C ASP D 144 -19.78 32.96 -29.53
N LYS D 145 -19.55 31.82 -28.87
CA LYS D 145 -18.55 30.81 -29.24
C LYS D 145 -19.17 29.74 -30.14
N ARG D 146 -18.42 29.31 -31.18
CA ARG D 146 -18.87 28.33 -32.18
C ARG D 146 -17.68 27.49 -32.68
N ALA D 147 -17.96 26.21 -32.95
CA ALA D 147 -16.97 25.26 -33.49
C ALA D 147 -17.72 24.41 -34.48
N VAL D 148 -17.17 24.29 -35.69
CA VAL D 148 -17.86 23.59 -36.77
C VAL D 148 -16.92 22.65 -37.53
N PHE D 149 -17.46 21.50 -37.96
CA PHE D 149 -16.85 20.59 -38.93
C PHE D 149 -17.66 20.70 -40.20
N VAL D 150 -16.98 20.95 -41.32
CA VAL D 150 -17.66 21.06 -42.61
C VAL D 150 -17.02 20.05 -43.57
N PRO D 151 -17.78 19.33 -44.43
CA PRO D 151 -17.12 18.43 -45.40
C PRO D 151 -16.10 19.20 -46.25
N PHE D 152 -14.94 18.60 -46.47
CA PHE D 152 -13.86 19.20 -47.24
C PHE D 152 -12.91 18.09 -47.61
N ASP D 153 -12.54 18.01 -48.89
CA ASP D 153 -11.61 16.98 -49.37
C ASP D 153 -10.18 17.37 -49.07
N GLY D 154 -9.79 17.15 -47.82
CA GLY D 154 -8.46 17.45 -47.30
C GLY D 154 -8.54 17.80 -45.83
N PHE D 155 -7.61 18.63 -45.35
CA PHE D 155 -7.65 19.04 -43.97
C PHE D 155 -7.36 20.53 -43.90
N LYS D 156 -8.31 21.30 -43.40
CA LYS D 156 -8.22 22.76 -43.33
C LYS D 156 -8.73 23.24 -41.97
N VAL D 157 -8.04 24.22 -41.38
CA VAL D 157 -8.42 24.75 -40.07
C VAL D 157 -8.49 26.25 -40.18
N SER D 158 -9.64 26.79 -39.78
CA SER D 158 -9.89 28.21 -39.71
C SER D 158 -10.18 28.60 -38.27
N PHE D 159 -9.72 29.78 -37.88
CA PHE D 159 -9.96 30.29 -36.54
C PHE D 159 -10.15 31.80 -36.55
N GLU D 160 -11.09 32.26 -35.71
CA GLU D 160 -11.37 33.67 -35.54
C GLU D 160 -11.39 33.98 -34.08
N ILE D 161 -10.55 34.93 -33.67
CA ILE D 161 -10.53 35.41 -32.30
C ILE D 161 -11.14 36.81 -32.26
N ASP D 162 -11.52 37.25 -31.05
CA ASP D 162 -12.07 38.58 -30.83
C ASP D 162 -11.86 38.97 -29.36
N PHE D 163 -10.60 39.30 -28.99
CA PHE D 163 -10.22 39.70 -27.63
C PHE D 163 -10.26 41.21 -27.51
N ASP D 164 -10.99 41.76 -26.51
CA ASP D 164 -11.02 43.21 -26.33
C ASP D 164 -9.76 43.62 -25.57
N HIS D 165 -8.67 43.81 -26.32
CA HIS D 165 -7.34 44.19 -25.83
C HIS D 165 -6.58 44.91 -26.96
N PRO D 166 -5.82 46.00 -26.70
CA PRO D 166 -5.15 46.71 -27.81
C PRO D 166 -4.10 45.89 -28.57
N VAL D 167 -3.32 45.03 -27.88
CA VAL D 167 -2.31 44.23 -28.57
C VAL D 167 -3.02 43.21 -29.49
N PHE D 168 -4.19 42.70 -29.08
CA PHE D 168 -4.95 41.74 -29.88
C PHE D 168 -5.69 42.41 -31.02
N ARG D 169 -6.38 43.54 -30.76
CA ARG D 169 -7.14 44.28 -31.77
C ARG D 169 -6.22 44.77 -32.91
N GLY D 170 -5.00 45.16 -32.57
CA GLY D 170 -3.99 45.61 -33.54
C GLY D 170 -3.33 44.51 -34.37
N ARG D 171 -3.61 43.23 -34.04
CA ARG D 171 -3.05 42.07 -34.76
C ARG D 171 -4.16 41.30 -35.51
N THR D 172 -3.76 40.42 -36.44
CA THR D 172 -4.64 39.55 -37.22
C THR D 172 -5.65 38.86 -36.27
N GLN D 173 -6.93 38.94 -36.62
CA GLN D 173 -8.06 38.35 -35.88
C GLN D 173 -8.46 36.97 -36.39
N GLN D 174 -8.17 36.69 -37.66
CA GLN D 174 -8.62 35.49 -38.32
C GLN D 174 -7.49 34.88 -39.19
N ALA D 175 -7.46 33.55 -39.25
CA ALA D 175 -6.53 32.83 -40.11
C ALA D 175 -7.14 31.51 -40.56
N SER D 176 -6.80 31.11 -41.78
CA SER D 176 -7.21 29.86 -42.41
C SER D 176 -5.99 29.17 -42.92
N VAL D 177 -5.83 27.89 -42.57
CA VAL D 177 -4.68 27.13 -43.05
C VAL D 177 -5.15 25.84 -43.72
N ASP D 178 -4.84 25.71 -45.02
CA ASP D 178 -5.12 24.52 -45.83
C ASP D 178 -3.82 23.76 -45.90
N PHE D 179 -3.77 22.59 -45.25
CA PHE D 179 -2.53 21.84 -45.15
C PHE D 179 -2.07 21.20 -46.49
N SER D 180 -2.86 21.30 -47.57
CA SER D 180 -2.40 20.82 -48.89
C SER D 180 -1.38 21.81 -49.50
N SER D 181 -1.43 23.07 -49.05
CA SER D 181 -0.60 24.18 -49.54
C SER D 181 0.25 24.86 -48.46
N THR D 182 0.05 24.51 -47.19
CA THR D 182 0.79 25.11 -46.07
C THR D 182 1.40 24.04 -45.19
N SER D 183 2.66 24.26 -44.81
CA SER D 183 3.38 23.35 -43.94
C SER D 183 2.97 23.61 -42.49
N PHE D 184 2.54 22.55 -41.75
CA PHE D 184 2.23 22.63 -40.32
C PHE D 184 3.49 23.11 -39.57
N VAL D 185 4.65 22.52 -39.90
CA VAL D 185 5.92 22.87 -39.25
C VAL D 185 6.26 24.37 -39.45
N LYS D 186 6.37 24.81 -40.70
CA LYS D 186 6.78 26.17 -41.01
C LYS D 186 5.86 27.25 -40.44
N GLU D 187 4.54 27.16 -40.73
CA GLU D 187 3.60 28.24 -40.41
C GLU D 187 2.72 28.06 -39.18
N VAL D 188 2.67 26.88 -38.52
CA VAL D 188 1.83 26.73 -37.33
C VAL D 188 2.65 26.34 -36.08
N SER D 189 3.50 25.27 -36.15
CA SER D 189 4.20 24.62 -35.03
C SER D 189 4.92 25.58 -34.08
N ARG D 190 5.51 26.70 -34.58
CA ARG D 190 6.25 27.66 -33.76
C ARG D 190 5.36 28.67 -33.02
N ALA D 191 4.03 28.63 -33.20
CA ALA D 191 3.14 29.62 -32.55
C ALA D 191 3.02 29.29 -31.05
N ARG D 192 3.47 30.23 -30.20
CA ARG D 192 3.49 30.03 -28.76
C ARG D 192 2.18 30.40 -28.09
N THR D 193 1.94 29.78 -26.93
CA THR D 193 0.77 30.08 -26.09
C THR D 193 0.91 31.53 -25.58
N PHE D 194 -0.17 32.06 -25.00
CA PHE D 194 -0.17 33.43 -24.56
C PHE D 194 -1.03 33.60 -23.32
N GLY D 195 -0.64 34.55 -22.49
CA GLY D 195 -1.30 34.88 -21.24
C GLY D 195 -1.22 36.34 -20.87
N PHE D 196 -1.92 36.72 -19.78
CA PHE D 196 -2.01 38.09 -19.28
C PHE D 196 -1.49 38.21 -17.84
N MET D 197 -0.69 39.25 -17.56
CA MET D 197 -0.14 39.54 -16.23
C MET D 197 -1.21 40.06 -15.24
N ARG D 198 -2.42 40.40 -15.74
CA ARG D 198 -3.52 40.94 -14.94
C ARG D 198 -4.22 39.89 -14.09
N ASP D 199 -4.31 38.62 -14.56
CA ASP D 199 -5.01 37.54 -13.86
C ASP D 199 -4.09 36.56 -13.08
N ILE D 200 -2.73 36.71 -13.16
CA ILE D 200 -1.73 35.83 -12.57
C ILE D 200 -2.01 35.41 -11.09
N GLU D 201 -2.31 36.38 -10.18
CA GLU D 201 -2.55 36.14 -8.75
C GLU D 201 -3.62 35.07 -8.50
N TYR D 202 -4.76 35.16 -9.22
CA TYR D 202 -5.85 34.17 -9.09
C TYR D 202 -5.37 32.81 -9.64
N LEU D 203 -4.68 32.83 -10.81
CA LEU D 203 -4.14 31.65 -11.49
C LEU D 203 -3.20 30.88 -10.56
N ARG D 204 -2.17 31.56 -10.01
CA ARG D 204 -1.19 31.01 -9.08
C ARG D 204 -1.87 30.32 -7.88
N SER D 205 -2.90 30.97 -7.28
CA SER D 205 -3.66 30.47 -6.12
C SER D 205 -4.52 29.25 -6.51
N GLN D 206 -4.90 29.14 -7.78
CA GLN D 206 -5.67 28.03 -8.34
C GLN D 206 -4.71 26.99 -8.94
N ASN D 207 -3.40 27.16 -8.66
CA ASN D 207 -2.27 26.35 -9.09
C ASN D 207 -2.18 26.29 -10.64
N LEU D 208 -2.31 27.47 -11.28
CA LEU D 208 -2.25 27.65 -12.73
C LEU D 208 -1.13 28.62 -13.09
N ALA D 209 -0.50 28.42 -14.27
CA ALA D 209 0.59 29.21 -14.82
C ALA D 209 1.82 29.31 -13.88
N LEU D 210 2.00 28.34 -12.94
CA LEU D 210 3.15 28.33 -12.00
C LEU D 210 4.49 28.20 -12.72
N GLY D 211 4.51 27.57 -13.90
CA GLY D 211 5.71 27.43 -14.70
C GLY D 211 5.81 28.44 -15.82
N GLY D 212 4.84 29.35 -15.88
CA GLY D 212 4.73 30.39 -16.90
C GLY D 212 5.70 31.53 -16.78
N SER D 213 6.34 31.89 -17.91
CA SER D 213 7.28 33.01 -18.03
C SER D 213 7.37 33.46 -19.52
N VAL D 214 8.18 34.50 -19.80
CA VAL D 214 8.43 34.99 -21.16
C VAL D 214 9.18 33.92 -22.00
N GLU D 215 9.89 32.96 -21.35
CA GLU D 215 10.63 31.93 -22.08
C GLU D 215 9.73 30.76 -22.59
N ASN D 216 8.46 30.67 -22.13
CA ASN D 216 7.56 29.64 -22.63
C ASN D 216 6.19 30.20 -23.03
N ALA D 217 6.04 31.53 -23.11
CA ALA D 217 4.76 32.13 -23.48
C ALA D 217 4.89 33.56 -23.96
N ILE D 218 3.93 34.00 -24.79
CA ILE D 218 3.83 35.40 -25.16
C ILE D 218 3.13 36.02 -23.97
N VAL D 219 3.83 36.89 -23.22
CA VAL D 219 3.28 37.52 -22.02
C VAL D 219 2.85 38.93 -22.39
N VAL D 220 1.59 39.24 -22.15
CA VAL D 220 0.94 40.48 -22.57
C VAL D 220 0.60 41.40 -21.38
N ASP D 221 1.11 42.65 -21.41
CA ASP D 221 0.80 43.62 -20.35
C ASP D 221 -0.53 44.32 -20.70
N GLU D 222 -0.73 45.57 -20.25
CA GLU D 222 -1.94 46.31 -20.52
C GLU D 222 -2.04 46.78 -21.98
N ASN D 223 -0.90 47.15 -22.62
CA ASN D 223 -0.93 47.70 -23.99
C ASN D 223 0.08 47.07 -24.98
N ARG D 224 1.00 46.21 -24.52
CA ARG D 224 1.98 45.61 -25.44
C ARG D 224 2.46 44.21 -24.99
N VAL D 225 3.29 43.59 -25.86
CA VAL D 225 3.93 42.29 -25.63
C VAL D 225 5.15 42.54 -24.74
N LEU D 226 5.25 41.82 -23.61
CA LEU D 226 6.39 41.99 -22.70
C LEU D 226 7.66 41.31 -23.23
N ASN D 227 7.52 40.25 -24.08
CA ASN D 227 8.65 39.52 -24.66
C ASN D 227 9.53 40.47 -25.47
N GLU D 228 10.81 40.57 -25.08
CA GLU D 228 11.81 41.48 -25.66
C GLU D 228 11.99 41.26 -27.17
N ASP D 229 11.91 40.00 -27.62
CA ASP D 229 12.12 39.57 -28.99
C ASP D 229 10.83 39.63 -29.84
N GLY D 230 9.74 40.14 -29.28
CA GLY D 230 8.48 40.27 -29.99
C GLY D 230 7.83 38.95 -30.38
N LEU D 231 7.14 38.97 -31.53
CA LEU D 231 6.40 37.82 -32.05
C LEU D 231 7.15 37.06 -33.14
N ARG D 232 6.83 35.75 -33.27
CA ARG D 232 7.40 34.82 -34.23
C ARG D 232 6.68 34.91 -35.57
N TYR D 233 5.41 35.30 -35.51
CA TYR D 233 4.50 35.52 -36.62
C TYR D 233 3.68 36.74 -36.29
N GLU D 234 3.28 37.53 -37.31
CA GLU D 234 2.43 38.69 -37.05
C GLU D 234 1.09 38.17 -36.46
N ASP D 235 0.61 37.03 -36.96
CA ASP D 235 -0.65 36.41 -36.52
C ASP D 235 -0.42 35.24 -35.56
N GLU D 236 0.59 35.33 -34.70
CA GLU D 236 0.92 34.24 -33.75
C GLU D 236 -0.25 33.89 -32.83
N PHE D 237 -1.04 34.87 -32.35
CA PHE D 237 -2.15 34.58 -31.43
C PHE D 237 -3.17 33.62 -32.07
N VAL D 238 -3.64 33.94 -33.29
CA VAL D 238 -4.62 33.10 -33.95
C VAL D 238 -3.95 31.79 -34.44
N LYS D 239 -2.67 31.82 -34.87
CA LYS D 239 -1.97 30.58 -35.26
C LYS D 239 -1.85 29.64 -34.06
N HIS D 240 -1.70 30.17 -32.82
CA HIS D 240 -1.63 29.29 -31.64
C HIS D 240 -3.00 28.67 -31.39
N LYS D 241 -4.08 29.41 -31.64
CA LYS D 241 -5.43 28.84 -31.43
C LYS D 241 -5.68 27.69 -32.41
N ILE D 242 -5.11 27.81 -33.63
CA ILE D 242 -5.19 26.79 -34.69
C ILE D 242 -4.40 25.57 -34.22
N LEU D 243 -3.21 25.80 -33.67
CA LEU D 243 -2.34 24.75 -33.10
C LEU D 243 -3.12 24.01 -32.01
N ASP D 244 -3.74 24.76 -31.07
CA ASP D 244 -4.51 24.08 -30.02
C ASP D 244 -5.66 23.26 -30.59
N ALA D 245 -6.40 23.80 -31.57
CA ALA D 245 -7.53 23.07 -32.15
C ALA D 245 -7.04 21.78 -32.83
N ILE D 246 -5.86 21.80 -33.48
CA ILE D 246 -5.28 20.63 -34.16
C ILE D 246 -4.99 19.52 -33.16
N GLY D 247 -4.43 19.89 -32.02
CA GLY D 247 -4.13 18.95 -30.95
C GLY D 247 -5.39 18.40 -30.30
N ASP D 248 -6.34 19.30 -29.96
CA ASP D 248 -7.63 18.93 -29.36
C ASP D 248 -8.42 18.02 -30.30
N LEU D 249 -8.39 18.28 -31.61
CA LEU D 249 -9.10 17.46 -32.58
C LEU D 249 -8.48 16.07 -32.71
N TYR D 250 -7.17 15.92 -32.37
CA TYR D 250 -6.50 14.64 -32.53
C TYR D 250 -6.99 13.62 -31.51
N LEU D 251 -7.78 14.06 -30.52
CA LEU D 251 -8.39 13.16 -29.53
C LEU D 251 -9.52 12.34 -30.18
N LEU D 252 -9.83 12.60 -31.47
CA LEU D 252 -10.76 11.75 -32.22
C LEU D 252 -10.17 10.33 -32.37
N GLY D 253 -8.84 10.20 -32.26
CA GLY D 253 -8.14 8.92 -32.33
C GLY D 253 -7.70 8.57 -33.75
N ASN D 254 -8.13 9.37 -34.74
CA ASN D 254 -7.81 9.24 -36.16
C ASN D 254 -7.75 10.61 -36.83
N SER D 255 -6.91 10.74 -37.87
CA SER D 255 -6.74 11.94 -38.68
C SER D 255 -8.03 12.31 -39.39
N LEU D 256 -8.30 13.63 -39.48
CA LEU D 256 -9.54 14.13 -40.09
CA LEU D 256 -9.53 14.14 -40.10
C LEU D 256 -9.40 14.46 -41.57
N ILE D 257 -10.46 14.15 -42.33
CA ILE D 257 -10.67 14.50 -43.72
C ILE D 257 -11.86 15.43 -43.63
N GLY D 258 -11.58 16.72 -43.57
CA GLY D 258 -12.61 17.74 -43.45
C GLY D 258 -12.06 19.10 -43.05
N GLU D 259 -12.95 20.01 -42.78
CA GLU D 259 -12.58 21.35 -42.41
C GLU D 259 -13.13 21.68 -41.02
N PHE D 260 -12.29 22.34 -40.20
CA PHE D 260 -12.66 22.82 -38.88
C PHE D 260 -12.73 24.34 -38.91
N ARG D 261 -13.76 24.91 -38.27
CA ARG D 261 -13.89 26.37 -38.16
C ARG D 261 -14.14 26.74 -36.71
N GLY D 262 -13.22 27.52 -36.12
CA GLY D 262 -13.32 27.97 -34.74
C GLY D 262 -13.63 29.46 -34.64
N PHE D 263 -14.63 29.81 -33.83
CA PHE D 263 -15.04 31.20 -33.60
C PHE D 263 -15.04 31.44 -32.10
N LYS D 264 -13.94 32.01 -31.55
CA LYS D 264 -13.74 32.33 -30.12
C LYS D 264 -13.81 31.02 -29.28
N SER D 265 -13.63 29.92 -29.98
CA SER D 265 -13.69 28.56 -29.49
C SER D 265 -12.48 28.27 -28.57
N GLY D 266 -12.62 27.28 -27.70
CA GLY D 266 -11.56 26.89 -26.78
C GLY D 266 -11.53 25.39 -26.56
N HIS D 267 -10.75 24.93 -25.56
CA HIS D 267 -10.61 23.50 -25.28
C HIS D 267 -11.96 22.84 -24.98
N ALA D 268 -12.83 23.51 -24.19
CA ALA D 268 -14.13 22.96 -23.81
C ALA D 268 -15.02 22.76 -25.05
N LEU D 269 -15.19 23.79 -25.90
CA LEU D 269 -16.05 23.68 -27.07
C LEU D 269 -15.45 22.77 -28.12
N ASN D 270 -14.09 22.70 -28.25
CA ASN D 270 -13.44 21.75 -29.16
C ASN D 270 -13.85 20.29 -28.82
N ASN D 271 -13.79 19.95 -27.51
CA ASN D 271 -14.11 18.60 -27.06
C ASN D 271 -15.59 18.31 -27.21
N GLN D 272 -16.46 19.34 -26.98
CA GLN D 272 -17.91 19.18 -27.15
C GLN D 272 -18.23 18.90 -28.62
N LEU D 273 -17.45 19.48 -29.55
CA LEU D 273 -17.64 19.26 -30.99
C LEU D 273 -17.27 17.81 -31.36
N LEU D 274 -16.13 17.30 -30.86
CA LEU D 274 -15.71 15.91 -31.05
C LEU D 274 -16.79 14.94 -30.54
N ARG D 275 -17.30 15.19 -29.32
CA ARG D 275 -18.32 14.35 -28.68
C ARG D 275 -19.65 14.32 -29.47
N THR D 276 -20.07 15.48 -30.03
CA THR D 276 -21.28 15.60 -30.85
C THR D 276 -21.05 14.89 -32.19
N LEU D 277 -19.83 15.04 -32.77
CA LEU D 277 -19.48 14.36 -34.01
C LEU D 277 -19.56 12.82 -33.82
N ILE D 278 -18.85 12.28 -32.81
CA ILE D 278 -18.82 10.85 -32.50
C ILE D 278 -20.29 10.34 -32.38
N ALA D 279 -21.14 11.06 -31.64
CA ALA D 279 -22.55 10.67 -31.46
C ALA D 279 -23.36 10.73 -32.77
N ASP D 280 -22.99 11.65 -33.68
CA ASP D 280 -23.70 11.80 -34.95
C ASP D 280 -23.02 10.91 -36.01
N LYS D 281 -23.30 9.59 -35.94
CA LYS D 281 -22.71 8.55 -36.79
C LYS D 281 -22.99 8.74 -38.29
N ASP D 282 -24.07 9.43 -38.67
CA ASP D 282 -24.38 9.70 -40.07
C ASP D 282 -23.47 10.78 -40.66
N ALA D 283 -22.91 11.65 -39.80
CA ALA D 283 -22.07 12.78 -40.21
C ALA D 283 -20.63 12.41 -40.55
N TRP D 284 -20.22 11.12 -40.33
CA TRP D 284 -18.85 10.69 -40.62
C TRP D 284 -18.77 9.20 -40.94
N GLU D 285 -17.59 8.78 -41.42
CA GLU D 285 -17.23 7.41 -41.75
C GLU D 285 -15.71 7.24 -41.68
N VAL D 286 -15.26 6.00 -41.41
CA VAL D 286 -13.86 5.64 -41.37
C VAL D 286 -13.46 5.21 -42.78
N VAL D 287 -12.32 5.75 -43.28
CA VAL D 287 -11.81 5.44 -44.62
C VAL D 287 -10.32 5.14 -44.55
N THR D 288 -9.86 4.25 -45.45
CA THR D 288 -8.44 3.94 -45.63
C THR D 288 -8.18 4.12 -47.12
N PHE D 289 -6.92 4.30 -47.51
CA PHE D 289 -6.56 4.53 -48.90
C PHE D 289 -5.50 3.52 -49.37
N GLU D 290 -5.88 2.66 -50.33
CA GLU D 290 -5.00 1.66 -50.92
C GLU D 290 -3.93 2.28 -51.81
N ASP D 291 -4.21 3.46 -52.37
CA ASP D 291 -3.27 4.21 -53.22
C ASP D 291 -3.15 5.64 -52.68
N ALA D 292 -2.00 5.96 -52.05
CA ALA D 292 -1.65 7.25 -51.43
C ALA D 292 -1.90 8.45 -52.36
N ARG D 293 -1.69 8.26 -53.69
CA ARG D 293 -1.91 9.29 -54.74
C ARG D 293 -3.39 9.74 -54.90
N THR D 294 -4.35 8.89 -54.50
CA THR D 294 -5.80 9.18 -54.65
C THR D 294 -6.40 9.85 -53.39
N ALA D 295 -5.60 10.04 -52.34
CA ALA D 295 -6.11 10.61 -51.10
C ALA D 295 -6.01 12.14 -51.09
N PRO D 296 -6.96 12.83 -50.42
CA PRO D 296 -6.90 14.30 -50.36
C PRO D 296 -5.90 14.82 -49.33
N ILE D 297 -5.24 13.90 -48.56
CA ILE D 297 -4.27 14.27 -47.51
C ILE D 297 -2.91 13.61 -47.81
N SER D 298 -1.83 14.40 -47.65
CA SER D 298 -0.46 13.94 -47.86
C SER D 298 0.39 14.17 -46.61
N TYR D 299 1.34 13.28 -46.38
CA TYR D 299 2.25 13.40 -45.26
C TYR D 299 3.68 13.45 -45.78
N MET D 300 4.56 14.15 -45.05
CA MET D 300 5.99 14.23 -45.36
C MET D 300 6.57 12.82 -45.33
N ARG D 301 7.70 12.58 -46.03
CA ARG D 301 8.38 11.27 -46.04
C ARG D 301 8.72 10.83 -44.59
N PRO D 302 8.79 9.52 -44.27
CA PRO D 302 9.13 9.13 -42.88
C PRO D 302 10.62 9.28 -42.57
ZN ZN E . -7.17 20.77 22.52
O2 L58 F . -7.00 20.67 24.57
C15 L58 F . -7.92 20.09 25.15
N2 L58 F . -8.76 19.24 24.45
O3 L58 F . -8.53 19.21 23.15
C14 L58 F . -8.21 20.13 26.65
C16 L58 F . -8.70 21.52 27.17
O4 L58 F . -9.94 21.67 26.54
C17 L58 F . -7.75 22.68 26.83
N1 L58 F . -6.98 19.78 27.34
C1 L58 F . -6.99 19.05 28.55
O1 L58 F . -8.06 18.62 29.06
C2 L58 F . -5.68 18.77 29.20
C7 L58 F . -4.50 19.43 28.79
C6 L58 F . -3.29 19.20 29.43
C5 L58 F . -3.20 18.32 30.55
C4 L58 F . -4.39 17.67 30.94
C3 L58 F . -5.61 17.88 30.28
C8 L58 F . -1.89 18.05 31.20
C13 L58 F . -0.75 18.92 30.97
C12 L58 F . 0.47 18.73 31.59
C11 L58 F . 0.56 17.73 32.51
BR L58 F . 2.20 17.65 33.54
C10 L58 F . -0.46 16.85 32.80
C9 L58 F . -1.69 17.00 32.15
H12 L58 F . -8.90 18.29 24.78
H13 L58 F . -7.89 18.47 23.02
H1 L58 F . -8.98 19.40 26.89
H2 L58 F . -8.82 21.46 28.25
H17 L58 F . -10.54 22.17 27.18
H15 L58 F . -8.02 23.58 27.35
H14 L58 F . -7.77 22.93 25.76
H16 L58 F . -6.71 22.46 27.08
H3 L58 F . -6.11 20.05 26.88
H7 L58 F . -4.50 20.18 28.00
H6 L58 F . -2.42 19.70 29.01
H5 L58 F . -4.40 16.98 31.78
H4 L58 F . -6.48 17.33 30.62
H11 L58 F . -0.85 19.82 30.36
H10 L58 F . 1.32 19.35 31.34
H9 L58 F . -0.31 16.05 33.52
H8 L58 F . -2.48 16.31 32.41
C ACT G . -22.24 32.54 22.46
O ACT G . -23.36 32.70 22.88
OXT ACT G . -21.78 31.37 22.34
CH3 ACT G . -21.47 33.80 22.13
C1 GOL H . -13.74 24.57 8.44
O1 GOL H . -14.33 24.69 7.15
C2 GOL H . -14.38 23.37 9.08
O2 GOL H . -15.75 23.24 8.73
C3 GOL H . -14.36 23.50 10.58
O3 GOL H . -14.25 22.19 10.97
ZN ZN I . -5.10 -23.80 -19.83
O2 L58 J . -5.76 -23.70 -21.77
C15 L58 J . -6.99 -23.70 -21.88
N2 L58 J . -7.84 -23.35 -20.80
O3 L58 J . -7.17 -23.09 -19.68
C14 L58 J . -7.77 -24.03 -23.15
C16 L58 J . -7.72 -25.57 -23.46
O4 L58 J . -8.34 -26.14 -22.32
C17 L58 J . -6.31 -26.15 -23.70
N1 L58 J . -7.18 -23.26 -24.22
C1 L58 J . -7.96 -22.69 -25.25
O1 L58 J . -9.22 -22.77 -25.24
C2 L58 J . -7.25 -21.95 -26.32
C7 L58 J . -5.85 -21.95 -26.45
C6 L58 J . -5.24 -21.27 -27.47
C5 L58 J . -5.99 -20.60 -28.47
C4 L58 J . -7.39 -20.60 -28.32
C3 L58 J . -8.01 -21.26 -27.27
C8 L58 J . -5.33 -19.86 -29.57
C13 L58 J . -3.96 -20.11 -29.89
C12 L58 J . -3.31 -19.45 -30.92
C11 L58 J . -4.03 -18.60 -31.71
BR L58 J . -3.15 -17.93 -33.30
C10 L58 J . -5.36 -18.30 -31.48
C9 L58 J . -6.02 -18.93 -30.42
H12 L58 J . -8.54 -22.64 -20.93
H13 L58 J . -6.89 -22.14 -19.77
H1 L58 J . -8.80 -23.75 -23.01
H2 L58 J . -8.34 -25.75 -24.35
H17 L58 J . -7.84 -26.95 -22.06
H15 L58 J . -6.35 -27.17 -24.05
H14 L58 J . -5.72 -26.17 -22.78
H16 L58 J . -5.74 -25.58 -24.43
H3 L58 J . -6.17 -23.13 -24.19
H7 L58 J . -5.20 -22.53 -25.78
H6 L58 J . -4.15 -21.23 -27.46
H5 L58 J . -8.04 -20.13 -29.05
H4 L58 J . -9.09 -21.18 -27.18
H11 L58 J . -3.41 -20.91 -29.40
H10 L58 J . -2.24 -19.57 -31.08
H9 L58 J . -5.88 -17.60 -32.13
H8 L58 J . -7.08 -18.69 -30.27
C ACT K . -12.01 -41.40 -15.01
O ACT K . -13.00 -41.98 -15.43
OXT ACT K . -11.04 -42.05 -14.62
CH3 ACT K . -12.01 -39.90 -14.96
C ACT L . -6.74 -4.61 -2.90
O ACT L . -6.33 -4.24 -1.80
OXT ACT L . -6.09 -5.38 -3.57
CH3 ACT L . -8.07 -4.10 -3.44
C ACT M . 1.98 -29.40 -4.65
O ACT M . 2.49 -28.51 -5.33
OXT ACT M . 0.93 -29.92 -5.03
CH3 ACT M . 2.64 -29.88 -3.38
C1 GOL N . -3.30 -28.76 -4.43
O1 GOL N . -3.46 -29.44 -3.14
C2 GOL N . -4.55 -27.97 -4.79
O2 GOL N . -5.70 -28.47 -4.10
C3 GOL N . -4.87 -28.17 -6.29
O3 GOL N . -5.84 -27.23 -6.62
ZN ZN O . 20.20 -21.63 22.66
O2 L58 P . 19.99 -23.23 21.24
C15 L58 P . 18.85 -23.64 21.04
N2 L58 P . 17.79 -22.77 21.27
O3 L58 P . 18.18 -21.69 21.95
C14 L58 P . 18.51 -25.01 20.52
C16 L58 P . 18.66 -26.15 21.61
O4 L58 P . 17.93 -25.72 22.75
C17 L58 P . 20.11 -26.44 21.99
N1 L58 P . 19.42 -25.25 19.36
C1 L58 P . 18.92 -25.69 18.12
O1 L58 P . 17.72 -25.92 17.95
C2 L58 P . 19.89 -25.91 16.98
C7 L58 P . 21.14 -25.31 16.96
C6 L58 P . 22.04 -25.63 15.93
C5 L58 P . 21.69 -26.55 14.88
C4 L58 P . 20.41 -27.10 14.94
C3 L58 P . 19.53 -26.80 15.97
C8 L58 P . 22.71 -27.03 13.91
C13 L58 P . 23.80 -26.20 13.54
C12 L58 P . 24.74 -26.58 12.58
C11 L58 P . 24.60 -27.80 11.95
BR L58 P . 25.93 -28.31 10.61
C10 L58 P . 23.55 -28.66 12.24
C9 L58 P . 22.59 -28.28 13.20
H12 L58 P . 17.20 -22.49 20.49
H13 L58 P . 18.53 -21.07 21.27
H1 L58 P . 17.46 -25.02 20.19
H2 L58 P . 18.20 -27.06 21.20
H17 L58 P . 18.54 -25.27 23.39
H15 L58 P . 20.15 -27.14 22.83
H14 L58 P . 20.65 -25.55 22.32
H16 L58 P . 20.68 -26.88 21.18
H3 L58 P . 20.40 -25.11 19.52
H7 L58 P . 21.41 -24.54 17.67
H6 L58 P . 23.03 -25.17 15.99
H5 L58 P . 20.05 -27.75 14.15
H4 L58 P . 18.57 -27.31 15.98
H11 L58 P . 23.89 -25.19 13.96
H10 L58 P . 25.60 -25.94 12.36
H9 L58 P . 23.47 -29.63 11.75
H8 L58 P . 21.79 -28.97 13.42
C ACT Q . 8.17 4.87 11.73
O ACT Q . 7.94 3.79 11.25
OXT ACT Q . 7.28 5.75 11.70
CH3 ACT Q . 9.54 5.13 12.35
C1 GOL R . 17.96 -13.03 36.23
O1 GOL R . 17.96 -11.67 36.61
C2 GOL R . 16.85 -13.10 35.24
O2 GOL R . 15.68 -13.21 35.96
C3 GOL R . 17.02 -14.31 34.32
O3 GOL R . 16.07 -14.18 33.33
ZN ZN S . -2.11 26.19 -26.42
O2 L58 T . -2.35 27.63 -24.81
C15 L58 T . -3.40 27.50 -24.23
N2 L58 T . -3.99 26.23 -24.19
O3 L58 T . -3.39 25.38 -25.08
C14 L58 T . -4.13 28.62 -23.50
C16 L58 T . -4.91 29.59 -24.46
O4 L58 T . -5.74 28.77 -25.26
C17 L58 T . -4.01 30.45 -25.34
N1 L58 T . -3.10 29.37 -22.75
C1 L58 T . -3.21 29.58 -21.36
O1 L58 T . -4.21 29.18 -20.75
C2 L58 T . -2.12 30.34 -20.67
C7 L58 T . -0.82 30.38 -21.17
C6 L58 T . 0.16 31.14 -20.54
C5 L58 T . -0.12 31.87 -19.34
C4 L58 T . -1.44 31.78 -18.84
C3 L58 T . -2.41 31.04 -19.50
C8 L58 T . 0.85 32.87 -18.81
C13 L58 T . 2.25 32.66 -18.97
C12 L58 T . 3.20 33.52 -18.40
C11 L58 T . 2.77 34.60 -17.66
BR L58 T . 4.12 35.76 -16.89
C10 L58 T . 1.41 34.87 -17.47
C9 L58 T . 0.46 34.00 -18.03
H12 L58 T . -4.10 25.75 -23.31
H13 L58 T . -2.53 25.12 -24.65
H1 L58 T . -4.85 28.18 -22.82
H2 L58 T . -5.53 30.24 -23.83
H17 L58 T . -5.29 28.58 -26.12
H15 L58 T . -4.60 30.98 -26.10
H14 L58 T . -3.28 29.87 -25.89
H16 L58 T . -3.46 31.21 -24.79
H3 L58 T . -2.31 29.73 -23.27
H7 L58 T . -0.53 29.75 -22.02
H6 L58 T . 1.15 31.17 -21.00
H5 L58 T . -1.70 32.26 -17.91
H4 L58 T . -3.42 31.03 -19.08
H11 L58 T . 2.63 31.77 -19.48
H10 L58 T . 4.27 33.36 -18.57
H9 L58 T . 1.10 35.75 -16.92
H8 L58 T . -0.59 34.24 -17.86
C1 GOL U . -5.74 17.16 -36.58
O1 GOL U . -6.14 16.56 -35.38
C2 GOL U . -6.06 16.29 -37.80
O2 GOL U . -6.96 15.20 -37.58
C3 GOL U . -4.80 15.97 -38.52
O3 GOL U . -5.07 14.87 -39.39
#